data_1NTG
#
_entry.id   1NTG
#
_cell.length_a   54.621
_cell.length_b   59.515
_cell.length_c   71.591
_cell.angle_alpha   103.51
_cell.angle_beta   109.95
_cell.angle_gamma   101.52
#
_symmetry.space_group_name_H-M   'P 1'
#
loop_
_entity.id
_entity.type
_entity.pdbx_description
1 polymer 'Tyrosyl-tRNA synthetase'
2 water water
#
_entity_poly.entity_id   1
_entity_poly.type   'polypeptide(L)'
_entity_poly.pdbx_seq_one_letter_code
;EPEEVIPSRLDIRVGKIITVEKHPDADSLYVEKIDVGEAEPRTVVSGLVQFVPKEELQDRLVVVLCNLKPQKMRGVESQG
MLLCASIEGINRQVEPLDPPAGSAPGEHVFVKGYEKGQPDEELKPKKKVFEKLQADFKISEECIAQWKQTNFMTKLGSIS
CKSLKGGNISLE
;
_entity_poly.pdbx_strand_id   A,B,C,D
#
# COMPACT_ATOMS: atom_id res chain seq x y z
N PRO A 2 -0.89 19.10 -28.33
CA PRO A 2 -0.76 17.69 -27.89
C PRO A 2 -1.15 17.49 -26.44
N GLU A 3 -0.86 16.30 -25.92
CA GLU A 3 -1.16 15.95 -24.54
C GLU A 3 -0.13 16.56 -23.62
N GLU A 4 -0.59 17.13 -22.52
CA GLU A 4 0.30 17.76 -21.54
C GLU A 4 1.41 16.81 -21.06
N VAL A 5 2.65 17.31 -21.05
CA VAL A 5 3.80 16.53 -20.60
C VAL A 5 4.10 16.89 -19.15
N ILE A 6 3.57 16.07 -18.23
CA ILE A 6 3.78 16.31 -16.82
C ILE A 6 4.34 15.05 -16.15
N PRO A 7 5.08 15.22 -15.05
CA PRO A 7 5.67 14.07 -14.34
C PRO A 7 4.67 13.04 -13.81
N SER A 8 3.42 13.42 -13.60
CA SER A 8 2.45 12.43 -13.11
C SER A 8 2.22 11.33 -14.15
N ARG A 9 2.73 11.52 -15.37
CA ARG A 9 2.56 10.50 -16.41
C ARG A 9 3.53 9.34 -16.25
N LEU A 10 4.47 9.50 -15.32
CA LEU A 10 5.44 8.45 -15.05
C LEU A 10 4.94 7.63 -13.86
N ASP A 11 5.11 6.32 -13.93
CA ASP A 11 4.70 5.45 -12.84
C ASP A 11 5.97 5.13 -12.04
N ILE A 12 6.24 5.89 -10.99
CA ILE A 12 7.45 5.68 -10.20
C ILE A 12 7.14 5.21 -8.79
N ARG A 13 7.85 4.18 -8.34
CA ARG A 13 7.62 3.64 -7.00
C ARG A 13 8.89 3.28 -6.28
N VAL A 14 8.78 3.14 -4.97
CA VAL A 14 9.90 2.76 -4.13
C VAL A 14 10.02 1.25 -4.35
N GLY A 15 11.25 0.77 -4.40
CA GLY A 15 11.44 -0.65 -4.61
C GLY A 15 12.53 -1.19 -3.71
N LYS A 16 12.57 -2.49 -3.53
CA LYS A 16 13.58 -3.12 -2.71
C LYS A 16 14.22 -4.24 -3.52
N ILE A 17 15.52 -4.12 -3.73
CA ILE A 17 16.25 -5.12 -4.49
C ILE A 17 16.34 -6.39 -3.66
N ILE A 18 15.66 -7.43 -4.10
CA ILE A 18 15.64 -8.69 -3.38
C ILE A 18 16.83 -9.56 -3.75
N THR A 19 17.26 -9.50 -5.01
CA THR A 19 18.41 -10.27 -5.48
C THR A 19 19.16 -9.52 -6.58
N VAL A 20 20.48 -9.72 -6.60
CA VAL A 20 21.34 -9.09 -7.59
C VAL A 20 22.41 -10.05 -8.08
N GLU A 21 22.54 -10.17 -9.40
CA GLU A 21 23.54 -11.04 -9.99
C GLU A 21 24.07 -10.38 -11.25
N LYS A 22 25.32 -10.67 -11.60
CA LYS A 22 25.90 -10.10 -12.80
C LYS A 22 25.22 -10.67 -14.03
N HIS A 23 25.08 -9.85 -15.06
CA HIS A 23 24.45 -10.28 -16.29
C HIS A 23 25.29 -11.38 -16.94
N PRO A 24 24.65 -12.44 -17.43
CA PRO A 24 25.32 -13.57 -18.08
C PRO A 24 26.17 -13.17 -19.29
N ASP A 25 25.60 -12.33 -20.14
CA ASP A 25 26.28 -11.87 -21.35
C ASP A 25 26.57 -10.37 -21.34
N ALA A 26 27.15 -9.87 -20.26
CA ALA A 26 27.46 -8.44 -20.17
C ALA A 26 28.28 -8.12 -18.92
N ASP A 27 29.41 -7.46 -19.11
CA ASP A 27 30.32 -7.10 -18.02
C ASP A 27 29.89 -5.91 -17.17
N SER A 28 29.05 -5.03 -17.71
CA SER A 28 28.63 -3.84 -16.97
C SER A 28 27.22 -3.87 -16.43
N LEU A 29 26.50 -4.98 -16.65
CA LEU A 29 25.13 -5.07 -16.20
C LEU A 29 24.83 -6.03 -15.05
N TYR A 30 23.88 -5.63 -14.21
CA TYR A 30 23.43 -6.45 -13.11
C TYR A 30 21.98 -6.75 -13.45
N VAL A 31 21.50 -7.91 -13.01
CA VAL A 31 20.11 -8.31 -13.22
C VAL A 31 19.53 -8.41 -11.82
N GLU A 32 18.48 -7.67 -11.53
CA GLU A 32 17.90 -7.75 -10.20
C GLU A 32 16.44 -8.19 -10.19
N LYS A 33 16.01 -8.55 -9.00
CA LYS A 33 14.62 -8.90 -8.78
C LYS A 33 14.28 -7.82 -7.76
N ILE A 34 13.33 -6.98 -8.11
CA ILE A 34 12.96 -5.89 -7.23
C ILE A 34 11.49 -5.93 -6.82
N ASP A 35 11.25 -5.84 -5.51
CA ASP A 35 9.89 -5.85 -4.98
C ASP A 35 9.36 -4.42 -5.20
N VAL A 36 8.37 -4.30 -6.07
CA VAL A 36 7.78 -3.00 -6.37
C VAL A 36 6.40 -2.90 -5.71
N GLY A 37 6.12 -3.83 -4.79
CA GLY A 37 4.84 -3.83 -4.10
C GLY A 37 3.78 -4.67 -4.82
N GLU A 38 4.19 -5.37 -5.87
CA GLU A 38 3.27 -6.20 -6.63
C GLU A 38 3.33 -7.63 -6.15
N ALA A 39 2.54 -8.49 -6.81
CA ALA A 39 2.49 -9.89 -6.46
C ALA A 39 3.91 -10.46 -6.56
N GLU A 40 4.44 -10.47 -7.77
CA GLU A 40 5.78 -10.99 -8.02
C GLU A 40 6.78 -9.86 -8.27
N PRO A 41 8.02 -10.01 -7.77
CA PRO A 41 9.05 -8.98 -7.96
C PRO A 41 9.43 -8.86 -9.43
N ARG A 42 9.67 -7.63 -9.87
CA ARG A 42 10.03 -7.40 -11.27
C ARG A 42 11.51 -7.69 -11.50
N THR A 43 11.84 -8.02 -12.74
CA THR A 43 13.22 -8.27 -13.14
C THR A 43 13.73 -6.95 -13.73
N VAL A 44 14.85 -6.45 -13.20
CA VAL A 44 15.44 -5.18 -13.64
C VAL A 44 16.94 -5.29 -13.96
N VAL A 45 17.32 -4.78 -15.13
CA VAL A 45 18.71 -4.80 -15.60
C VAL A 45 19.31 -3.39 -15.50
N SER A 46 20.37 -3.24 -14.70
CA SER A 46 21.00 -1.93 -14.47
C SER A 46 22.49 -1.91 -14.79
N GLY A 47 22.94 -0.86 -15.47
CA GLY A 47 24.34 -0.75 -15.81
C GLY A 47 25.12 -0.11 -14.68
N LEU A 48 25.28 -0.85 -13.59
CA LEU A 48 25.98 -0.31 -12.41
C LEU A 48 27.14 -1.16 -11.90
N VAL A 49 27.42 -2.27 -12.57
CA VAL A 49 28.50 -3.16 -12.15
C VAL A 49 29.79 -2.41 -11.87
N GLN A 50 30.17 -1.52 -12.77
CA GLN A 50 31.41 -0.76 -12.62
C GLN A 50 31.26 0.47 -11.75
N PHE A 51 30.06 0.69 -11.23
CA PHE A 51 29.77 1.86 -10.41
C PHE A 51 29.54 1.56 -8.94
N VAL A 52 28.66 0.59 -8.68
CA VAL A 52 28.33 0.22 -7.31
C VAL A 52 28.58 -1.26 -7.03
N PRO A 53 29.22 -1.57 -5.90
CA PRO A 53 29.49 -2.97 -5.56
C PRO A 53 28.21 -3.76 -5.26
N LYS A 54 28.18 -4.99 -5.75
CA LYS A 54 27.05 -5.89 -5.58
C LYS A 54 26.40 -5.86 -4.21
N GLU A 55 27.22 -5.70 -3.17
CA GLU A 55 26.72 -5.68 -1.80
C GLU A 55 25.97 -4.42 -1.39
N GLU A 56 26.16 -3.33 -2.12
CA GLU A 56 25.48 -2.09 -1.79
C GLU A 56 24.17 -1.96 -2.55
N LEU A 57 23.77 -3.05 -3.22
CA LEU A 57 22.50 -3.08 -3.94
C LEU A 57 21.59 -4.12 -3.30
N GLN A 58 22.20 -5.07 -2.57
CA GLN A 58 21.45 -6.13 -1.91
C GLN A 58 20.53 -5.57 -0.81
N ASP A 59 19.24 -5.88 -0.93
CA ASP A 59 18.25 -5.41 0.06
C ASP A 59 18.09 -3.89 0.08
N ARG A 60 18.64 -3.21 -0.91
CA ARG A 60 18.57 -1.76 -0.95
C ARG A 60 17.26 -1.21 -1.50
N LEU A 61 16.80 -0.11 -0.90
CA LEU A 61 15.58 0.53 -1.34
C LEU A 61 15.98 1.46 -2.47
N VAL A 62 15.25 1.41 -3.57
CA VAL A 62 15.54 2.21 -4.74
C VAL A 62 14.29 2.84 -5.34
N VAL A 63 14.47 3.63 -6.39
CA VAL A 63 13.35 4.30 -7.05
C VAL A 63 13.22 3.71 -8.45
N VAL A 64 12.06 3.12 -8.74
CA VAL A 64 11.86 2.45 -10.02
C VAL A 64 10.78 3.00 -10.95
N LEU A 65 11.16 3.24 -12.20
CA LEU A 65 10.21 3.72 -13.19
C LEU A 65 9.53 2.43 -13.64
N CYS A 66 8.22 2.33 -13.44
CA CYS A 66 7.53 1.09 -13.77
C CYS A 66 6.63 1.04 -15.01
N ASN A 67 6.32 2.17 -15.62
CA ASN A 67 5.46 2.11 -16.79
C ASN A 67 6.16 2.24 -18.14
N LEU A 68 7.37 1.68 -18.23
CA LEU A 68 8.14 1.67 -19.47
C LEU A 68 7.86 0.34 -20.18
N LYS A 69 7.86 0.36 -21.51
CA LYS A 69 7.64 -0.86 -22.29
C LYS A 69 8.79 -1.81 -22.02
N PRO A 70 8.50 -3.03 -21.56
CA PRO A 70 9.58 -3.98 -21.28
C PRO A 70 10.51 -4.11 -22.47
N GLN A 71 11.78 -4.35 -22.22
CA GLN A 71 12.75 -4.50 -23.30
C GLN A 71 13.92 -5.37 -22.89
N LYS A 72 14.29 -6.32 -23.76
CA LYS A 72 15.40 -7.22 -23.49
C LYS A 72 16.73 -6.48 -23.66
N MET A 73 17.53 -6.49 -22.60
CA MET A 73 18.84 -5.85 -22.62
C MET A 73 19.90 -6.94 -22.60
N ARG A 74 20.56 -7.15 -23.73
CA ARG A 74 21.58 -8.18 -23.83
C ARG A 74 21.00 -9.57 -23.56
N GLY A 75 19.75 -9.78 -23.96
CA GLY A 75 19.13 -11.07 -23.75
C GLY A 75 18.13 -11.14 -22.63
N VAL A 76 18.34 -10.36 -21.58
CA VAL A 76 17.43 -10.35 -20.43
C VAL A 76 16.37 -9.27 -20.56
N GLU A 77 15.12 -9.62 -20.32
CA GLU A 77 14.03 -8.67 -20.41
C GLU A 77 13.90 -7.86 -19.14
N SER A 78 14.08 -6.54 -19.27
CA SER A 78 13.97 -5.65 -18.13
C SER A 78 12.53 -5.18 -18.05
N GLN A 79 11.94 -5.28 -16.87
CA GLN A 79 10.55 -4.89 -16.66
C GLN A 79 10.47 -3.60 -15.84
N GLY A 80 11.47 -2.74 -16.02
CA GLY A 80 11.49 -1.49 -15.29
C GLY A 80 12.91 -0.96 -15.24
N MET A 81 13.09 0.23 -14.69
CA MET A 81 14.42 0.82 -14.59
C MET A 81 14.62 1.66 -13.33
N LEU A 82 15.83 1.58 -12.81
CA LEU A 82 16.19 2.34 -11.63
C LEU A 82 16.47 3.79 -12.01
N LEU A 83 15.91 4.72 -11.25
CA LEU A 83 16.17 6.13 -11.51
C LEU A 83 17.48 6.39 -10.76
N CYS A 84 18.44 7.00 -11.45
CA CYS A 84 19.74 7.33 -10.90
C CYS A 84 20.13 8.79 -11.07
N ALA A 85 21.09 9.23 -10.28
CA ALA A 85 21.60 10.57 -10.38
C ALA A 85 22.92 10.38 -11.11
N SER A 86 23.27 11.31 -11.99
CA SER A 86 24.52 11.16 -12.71
C SER A 86 25.11 12.48 -13.19
N ILE A 87 26.43 12.49 -13.27
CA ILE A 87 27.19 13.63 -13.73
C ILE A 87 28.26 13.08 -14.65
N GLU A 88 28.36 13.61 -15.86
CA GLU A 88 29.39 13.12 -16.76
C GLU A 88 30.60 14.02 -16.65
N GLY A 89 31.57 13.59 -15.84
CA GLY A 89 32.81 14.33 -15.64
C GLY A 89 33.94 13.66 -16.41
N ILE A 90 35.15 13.64 -15.86
CA ILE A 90 36.28 13.01 -16.52
C ILE A 90 35.90 11.56 -16.76
N ASN A 91 35.11 11.05 -15.82
CA ASN A 91 34.58 9.70 -15.85
C ASN A 91 33.12 9.85 -15.46
N ARG A 92 32.29 8.88 -15.83
CA ARG A 92 30.90 8.95 -15.48
C ARG A 92 30.79 8.75 -13.98
N GLN A 93 29.76 9.36 -13.37
CA GLN A 93 29.50 9.23 -11.94
C GLN A 93 28.01 8.94 -11.81
N VAL A 94 27.69 7.84 -11.13
CA VAL A 94 26.32 7.44 -10.96
C VAL A 94 26.02 6.97 -9.55
N GLU A 95 24.83 7.33 -9.08
CA GLU A 95 24.35 6.92 -7.76
C GLU A 95 22.86 6.68 -7.91
N PRO A 96 22.35 5.56 -7.36
CA PRO A 96 20.92 5.34 -7.50
C PRO A 96 20.20 6.32 -6.57
N LEU A 97 19.00 6.76 -6.97
CA LEU A 97 18.24 7.70 -6.15
C LEU A 97 17.74 6.96 -4.92
N ASP A 98 17.66 7.68 -3.80
CA ASP A 98 17.25 7.11 -2.52
C ASP A 98 15.91 7.59 -2.00
N PRO A 99 15.02 6.65 -1.65
CA PRO A 99 13.70 6.99 -1.11
C PRO A 99 13.94 7.48 0.32
N PRO A 100 13.01 8.26 0.89
CA PRO A 100 13.19 8.75 2.25
C PRO A 100 13.30 7.60 3.24
N ALA A 101 13.96 7.85 4.36
CA ALA A 101 14.15 6.82 5.39
C ALA A 101 12.80 6.27 5.88
N GLY A 102 12.71 4.94 5.96
CA GLY A 102 11.50 4.30 6.42
C GLY A 102 10.48 3.98 5.33
N SER A 103 10.91 4.01 4.07
CA SER A 103 9.99 3.74 2.97
C SER A 103 9.84 2.25 2.69
N ALA A 104 8.74 1.89 2.04
CA ALA A 104 8.46 0.49 1.72
C ALA A 104 8.13 0.26 0.25
N PRO A 105 8.36 -0.98 -0.23
CA PRO A 105 8.10 -1.38 -1.61
C PRO A 105 6.72 -0.99 -2.10
N GLY A 106 6.67 -0.38 -3.29
CA GLY A 106 5.39 0.01 -3.88
C GLY A 106 4.92 1.43 -3.62
N GLU A 107 5.38 2.05 -2.54
CA GLU A 107 4.97 3.41 -2.22
C GLU A 107 5.15 4.39 -3.38
N HIS A 108 4.14 5.22 -3.57
CA HIS A 108 4.10 6.20 -4.64
C HIS A 108 5.16 7.29 -4.58
N VAL A 109 5.95 7.40 -5.63
CA VAL A 109 6.96 8.44 -5.71
C VAL A 109 6.39 9.43 -6.72
N PHE A 110 6.37 10.71 -6.36
CA PHE A 110 5.81 11.73 -7.23
C PHE A 110 6.51 13.06 -7.08
N VAL A 111 6.17 13.99 -7.96
CA VAL A 111 6.71 15.33 -7.88
C VAL A 111 5.65 16.11 -7.11
N LYS A 112 6.07 16.93 -6.16
CA LYS A 112 5.13 17.72 -5.37
C LYS A 112 4.21 18.47 -6.32
N GLY A 113 2.90 18.36 -6.07
CA GLY A 113 1.91 19.02 -6.91
C GLY A 113 1.41 18.15 -8.07
N TYR A 114 2.01 16.99 -8.26
CA TYR A 114 1.62 16.08 -9.34
C TYR A 114 1.42 14.67 -8.80
N GLU A 115 0.72 14.57 -7.67
CA GLU A 115 0.49 13.30 -7.00
C GLU A 115 -0.75 12.51 -7.43
N LYS A 116 -1.82 13.23 -7.81
CA LYS A 116 -3.08 12.59 -8.19
C LYS A 116 -3.18 12.14 -9.66
N GLY A 117 -2.30 12.66 -10.52
CA GLY A 117 -2.35 12.29 -11.91
C GLY A 117 -2.13 10.81 -12.19
N GLN A 118 -2.90 10.26 -13.12
CA GLN A 118 -2.75 8.85 -13.47
C GLN A 118 -1.65 8.68 -14.51
N PRO A 119 -0.72 7.74 -14.27
CA PRO A 119 0.41 7.45 -15.16
C PRO A 119 -0.08 6.87 -16.48
N ASP A 120 0.77 6.92 -17.51
CA ASP A 120 0.40 6.35 -18.81
C ASP A 120 0.41 4.84 -18.58
N GLU A 121 -0.49 4.13 -19.24
CA GLU A 121 -0.55 2.67 -19.10
C GLU A 121 0.82 2.11 -19.47
N GLU A 122 1.40 2.67 -20.54
CA GLU A 122 2.74 2.28 -21.00
C GLU A 122 3.30 3.42 -21.84
N LEU A 123 4.50 3.88 -21.48
CA LEU A 123 5.14 4.98 -22.19
C LEU A 123 5.55 4.60 -23.61
N LYS A 124 5.14 5.42 -24.57
CA LYS A 124 5.47 5.17 -25.97
C LYS A 124 6.76 5.88 -26.35
N PRO A 125 7.80 5.13 -26.76
CA PRO A 125 9.08 5.74 -27.14
C PRO A 125 8.91 6.95 -28.06
N LYS A 126 8.15 6.78 -29.13
CA LYS A 126 7.90 7.85 -30.09
C LYS A 126 7.56 9.17 -29.41
N LYS A 127 6.64 9.11 -28.45
CA LYS A 127 6.20 10.28 -27.72
C LYS A 127 7.28 10.91 -26.83
N LYS A 128 8.30 10.13 -26.49
CA LYS A 128 9.42 10.62 -25.67
C LYS A 128 8.98 11.46 -24.47
N VAL A 129 8.02 10.96 -23.71
CA VAL A 129 7.54 11.71 -22.55
C VAL A 129 8.62 11.78 -21.46
N PHE A 130 9.35 10.68 -21.27
CA PHE A 130 10.38 10.66 -20.26
C PHE A 130 11.46 11.68 -20.57
N GLU A 131 12.05 11.62 -21.76
CA GLU A 131 13.09 12.57 -22.12
C GLU A 131 12.67 14.02 -22.11
N LYS A 132 11.42 14.31 -22.43
CA LYS A 132 10.94 15.69 -22.42
C LYS A 132 10.81 16.17 -20.98
N LEU A 133 10.51 15.25 -20.06
CA LEU A 133 10.42 15.59 -18.65
C LEU A 133 11.84 15.72 -18.10
N GLN A 134 12.72 14.87 -18.59
CA GLN A 134 14.12 14.83 -18.19
C GLN A 134 14.86 16.14 -18.47
N ALA A 135 14.39 16.89 -19.45
CA ALA A 135 14.99 18.18 -19.81
C ALA A 135 14.91 19.15 -18.65
N ASP A 136 14.09 18.81 -17.66
CA ASP A 136 13.95 19.67 -16.50
C ASP A 136 14.30 18.90 -15.23
N PHE A 137 14.87 17.72 -15.39
CA PHE A 137 15.27 16.89 -14.26
C PHE A 137 16.65 17.38 -13.82
N LYS A 138 16.87 17.50 -12.52
CA LYS A 138 18.15 17.92 -11.99
C LYS A 138 18.21 17.70 -10.49
N ILE A 139 19.41 17.41 -9.99
CA ILE A 139 19.62 17.20 -8.55
C ILE A 139 20.00 18.54 -7.92
N SER A 140 19.20 19.02 -6.96
CA SER A 140 19.49 20.30 -6.31
C SER A 140 20.82 20.29 -5.56
N GLU A 141 21.21 21.46 -5.08
CA GLU A 141 22.45 21.64 -4.33
C GLU A 141 22.40 20.92 -3.00
N GLU A 142 21.21 20.45 -2.62
CA GLU A 142 21.02 19.75 -1.36
C GLU A 142 20.92 18.26 -1.68
N CYS A 143 21.20 17.91 -2.92
CA CYS A 143 21.15 16.52 -3.37
C CYS A 143 19.74 15.95 -3.43
N ILE A 144 18.78 16.78 -3.83
CA ILE A 144 17.39 16.35 -3.94
C ILE A 144 16.93 16.31 -5.40
N ALA A 145 16.36 15.17 -5.80
CA ALA A 145 15.86 15.00 -7.16
C ALA A 145 14.67 15.92 -7.37
N GLN A 146 14.73 16.72 -8.44
CA GLN A 146 13.66 17.66 -8.74
C GLN A 146 13.30 17.73 -10.21
N TRP A 147 12.12 18.30 -10.47
CA TRP A 147 11.63 18.51 -11.82
C TRP A 147 11.23 19.97 -11.80
N LYS A 148 11.88 20.78 -12.64
CA LYS A 148 11.61 22.22 -12.67
C LYS A 148 11.74 22.72 -11.25
N GLN A 149 12.83 22.30 -10.61
CA GLN A 149 13.15 22.68 -9.24
C GLN A 149 12.08 22.36 -8.20
N THR A 150 11.38 21.24 -8.43
CA THR A 150 10.34 20.81 -7.51
C THR A 150 10.67 19.37 -7.09
N ASN A 151 10.61 19.11 -5.79
CA ASN A 151 10.93 17.83 -5.18
C ASN A 151 10.18 16.57 -5.54
N PHE A 152 10.93 15.51 -5.86
CA PHE A 152 10.33 14.21 -6.09
C PHE A 152 10.19 13.79 -4.63
N MET A 153 9.17 13.02 -4.31
CA MET A 153 8.97 12.62 -2.93
C MET A 153 7.99 11.48 -2.78
N THR A 154 7.69 11.16 -1.53
CA THR A 154 6.71 10.14 -1.20
C THR A 154 6.07 10.75 0.03
N LYS A 155 5.13 10.02 0.65
CA LYS A 155 4.47 10.51 1.86
C LYS A 155 5.52 10.68 2.96
N LEU A 156 6.57 9.86 2.92
CA LEU A 156 7.60 9.89 3.94
C LEU A 156 8.79 10.82 3.71
N GLY A 157 8.74 11.61 2.64
CA GLY A 157 9.85 12.51 2.39
C GLY A 157 10.39 12.54 0.98
N SER A 158 11.30 13.48 0.73
CA SER A 158 11.88 13.67 -0.58
C SER A 158 12.89 12.61 -1.00
N ILE A 159 13.02 12.47 -2.32
CA ILE A 159 13.93 11.52 -2.95
C ILE A 159 15.29 12.23 -3.06
N SER A 160 16.37 11.52 -2.71
CA SER A 160 17.69 12.13 -2.78
C SER A 160 18.75 11.18 -3.29
N CYS A 161 19.98 11.67 -3.36
CA CYS A 161 21.12 10.87 -3.79
C CYS A 161 22.25 11.17 -2.80
N LYS A 162 23.26 10.31 -2.78
CA LYS A 162 24.35 10.50 -1.83
C LYS A 162 25.18 11.78 -1.99
N SER A 163 25.58 12.14 -3.21
CA SER A 163 26.43 13.32 -3.36
C SER A 163 26.48 14.06 -4.70
N LEU A 164 25.79 13.55 -5.72
CA LEU A 164 25.84 14.19 -7.03
C LEU A 164 24.99 15.44 -7.22
N LYS A 165 25.28 16.48 -6.44
CA LYS A 165 24.52 17.72 -6.58
C LYS A 165 24.74 18.34 -7.95
N GLY A 166 23.69 18.96 -8.49
CA GLY A 166 23.78 19.55 -9.81
C GLY A 166 23.81 18.50 -10.90
N GLY A 167 23.53 17.25 -10.54
CA GLY A 167 23.55 16.17 -11.51
C GLY A 167 22.24 15.96 -12.24
N ASN A 168 22.26 15.00 -13.17
CA ASN A 168 21.06 14.67 -13.93
C ASN A 168 20.37 13.46 -13.32
N ILE A 169 19.14 13.23 -13.75
CA ILE A 169 18.36 12.08 -13.32
C ILE A 169 18.31 11.26 -14.60
N SER A 170 18.86 10.05 -14.56
CA SER A 170 18.92 9.23 -15.75
C SER A 170 18.54 7.78 -15.51
N LEU A 171 18.39 7.05 -16.62
CA LEU A 171 18.03 5.63 -16.59
C LEU A 171 19.20 4.75 -16.97
N GLU A 172 20.25 5.36 -17.52
CA GLU A 172 21.44 4.63 -17.93
C GLU A 172 21.20 3.80 -19.19
N PRO B 2 -19.97 -9.11 -13.16
CA PRO B 2 -19.79 -10.51 -12.73
C PRO B 2 -20.05 -10.74 -11.25
N GLU B 3 -19.70 -11.92 -10.76
CA GLU B 3 -19.91 -12.28 -9.36
C GLU B 3 -18.88 -11.63 -8.42
N GLU B 4 -19.37 -11.03 -7.35
CA GLU B 4 -18.49 -10.38 -6.39
C GLU B 4 -17.36 -11.29 -5.92
N VAL B 5 -16.14 -10.79 -5.95
CA VAL B 5 -14.98 -11.56 -5.51
C VAL B 5 -14.69 -11.21 -4.05
N ILE B 6 -15.15 -12.06 -3.13
CA ILE B 6 -14.95 -11.82 -1.71
C ILE B 6 -14.35 -13.04 -1.02
N PRO B 7 -13.65 -12.82 0.10
CA PRO B 7 -13.02 -13.92 0.83
C PRO B 7 -13.97 -15.01 1.34
N SER B 8 -15.24 -14.68 1.54
CA SER B 8 -16.16 -15.70 2.04
C SER B 8 -16.41 -16.82 1.03
N ARG B 9 -15.92 -16.65 -0.19
CA ARG B 9 -16.12 -17.68 -1.20
C ARG B 9 -15.12 -18.82 -1.08
N LEU B 10 -14.15 -18.62 -0.20
CA LEU B 10 -13.12 -19.62 0.07
C LEU B 10 -13.57 -20.45 1.28
N ASP B 11 -13.44 -21.77 1.20
CA ASP B 11 -13.83 -22.65 2.30
C ASP B 11 -12.56 -22.93 3.09
N ILE B 12 -12.31 -22.14 4.14
CA ILE B 12 -11.10 -22.32 4.95
C ILE B 12 -11.38 -22.78 6.39
N ARG B 13 -10.68 -23.83 6.82
CA ARG B 13 -10.89 -24.35 8.16
C ARG B 13 -9.62 -24.71 8.91
N VAL B 14 -9.75 -24.87 10.22
CA VAL B 14 -8.62 -25.26 11.04
C VAL B 14 -8.47 -26.75 10.79
N GLY B 15 -7.23 -27.22 10.78
CA GLY B 15 -6.99 -28.63 10.55
C GLY B 15 -5.90 -29.14 11.46
N LYS B 16 -5.80 -30.46 11.57
CA LYS B 16 -4.77 -31.05 12.39
C LYS B 16 -4.11 -32.16 11.61
N ILE B 17 -2.81 -32.00 11.36
CA ILE B 17 -2.06 -33.01 10.62
C ILE B 17 -1.99 -34.26 11.47
N ILE B 18 -2.60 -35.33 10.97
CA ILE B 18 -2.62 -36.61 11.68
C ILE B 18 -1.45 -37.50 11.30
N THR B 19 -1.09 -37.50 10.02
CA THR B 19 0.03 -38.30 9.54
C THR B 19 0.84 -37.50 8.50
N VAL B 20 2.15 -37.63 8.56
CA VAL B 20 3.04 -36.92 7.63
C VAL B 20 4.10 -37.86 7.10
N GLU B 21 4.22 -37.91 5.79
CA GLU B 21 5.20 -38.77 5.14
C GLU B 21 5.68 -38.13 3.83
N LYS B 22 6.94 -38.33 3.48
CA LYS B 22 7.47 -37.78 2.25
C LYS B 22 6.79 -38.42 1.06
N HIS B 23 6.48 -37.60 0.05
CA HIS B 23 5.83 -38.08 -1.16
C HIS B 23 6.70 -39.15 -1.84
N PRO B 24 6.10 -40.27 -2.24
CA PRO B 24 6.79 -41.39 -2.90
C PRO B 24 7.70 -40.98 -4.07
N ASP B 25 7.19 -40.14 -4.97
CA ASP B 25 7.98 -39.70 -6.12
C ASP B 25 8.17 -38.20 -6.21
N ALA B 26 8.45 -37.54 -5.09
CA ALA B 26 8.67 -36.11 -5.10
C ALA B 26 9.52 -35.69 -3.91
N ASP B 27 10.68 -35.11 -4.18
CA ASP B 27 11.61 -34.70 -3.14
C ASP B 27 11.22 -33.53 -2.25
N SER B 28 10.41 -32.62 -2.76
CA SER B 28 10.04 -31.46 -1.97
C SER B 28 8.62 -31.54 -1.41
N LEU B 29 7.97 -32.67 -1.60
CA LEU B 29 6.59 -32.79 -1.13
C LEU B 29 6.35 -33.75 0.03
N TYR B 30 5.38 -33.41 0.86
CA TYR B 30 4.96 -34.25 1.97
C TYR B 30 3.54 -34.64 1.61
N VAL B 31 3.13 -35.82 2.04
CA VAL B 31 1.76 -36.30 1.83
C VAL B 31 1.19 -36.42 3.24
N GLU B 32 0.14 -35.66 3.54
CA GLU B 32 -0.44 -35.70 4.88
C GLU B 32 -1.90 -36.10 4.94
N LYS B 33 -2.28 -36.58 6.11
CA LYS B 33 -3.67 -36.93 6.40
C LYS B 33 -4.01 -35.84 7.39
N ILE B 34 -4.95 -34.98 7.03
CA ILE B 34 -5.33 -33.88 7.90
C ILE B 34 -6.78 -33.94 8.32
N ASP B 35 -7.02 -33.85 9.63
CA ASP B 35 -8.38 -33.88 10.16
C ASP B 35 -8.91 -32.47 9.96
N VAL B 36 -9.97 -32.35 9.16
CA VAL B 36 -10.54 -31.06 8.87
C VAL B 36 -11.93 -30.96 9.48
N GLY B 37 -12.20 -31.81 10.47
CA GLY B 37 -13.49 -31.81 11.13
C GLY B 37 -14.52 -32.69 10.46
N GLU B 38 -14.18 -33.27 9.32
CA GLU B 38 -15.09 -34.14 8.59
C GLU B 38 -15.06 -35.55 9.18
N ALA B 39 -15.87 -36.44 8.60
CA ALA B 39 -15.93 -37.81 9.08
C ALA B 39 -14.54 -38.43 8.98
N GLU B 40 -13.95 -38.32 7.80
CA GLU B 40 -12.61 -38.85 7.51
C GLU B 40 -11.62 -37.74 7.17
N PRO B 41 -10.34 -37.93 7.54
CA PRO B 41 -9.31 -36.94 7.26
C PRO B 41 -8.96 -36.90 5.77
N ARG B 42 -8.64 -35.71 5.27
CA ARG B 42 -8.30 -35.58 3.86
C ARG B 42 -6.81 -35.76 3.64
N THR B 43 -6.46 -36.04 2.38
CA THR B 43 -5.07 -36.19 1.99
C THR B 43 -4.67 -34.82 1.42
N VAL B 44 -3.53 -34.32 1.89
CA VAL B 44 -3.01 -33.02 1.47
C VAL B 44 -1.51 -33.10 1.13
N VAL B 45 -1.13 -32.62 -0.05
CA VAL B 45 0.26 -32.63 -0.50
C VAL B 45 0.82 -31.20 -0.38
N SER B 46 1.89 -31.05 0.39
CA SER B 46 2.50 -29.74 0.63
C SER B 46 3.99 -29.69 0.29
N GLY B 47 4.41 -28.61 -0.36
CA GLY B 47 5.82 -28.47 -0.70
C GLY B 47 6.59 -27.87 0.46
N LEU B 48 6.74 -28.63 1.55
CA LEU B 48 7.42 -28.13 2.73
C LEU B 48 8.62 -28.93 3.23
N VAL B 49 8.94 -30.02 2.53
CA VAL B 49 10.05 -30.88 2.94
C VAL B 49 11.33 -30.10 3.20
N GLN B 50 11.68 -29.21 2.29
CA GLN B 50 12.89 -28.43 2.43
C GLN B 50 12.68 -27.14 3.20
N PHE B 51 11.53 -27.01 3.85
CA PHE B 51 11.22 -25.83 4.63
C PHE B 51 10.98 -26.14 6.11
N VAL B 52 10.23 -27.20 6.38
CA VAL B 52 9.90 -27.58 7.75
C VAL B 52 10.14 -29.05 8.00
N PRO B 53 10.78 -29.41 9.12
CA PRO B 53 11.04 -30.81 9.45
C PRO B 53 9.73 -31.56 9.75
N LYS B 54 9.71 -32.84 9.39
CA LYS B 54 8.55 -33.70 9.59
C LYS B 54 7.93 -33.63 10.99
N GLU B 55 8.77 -33.50 12.01
CA GLU B 55 8.31 -33.43 13.40
C GLU B 55 7.58 -32.15 13.78
N GLU B 56 7.70 -31.11 12.96
CA GLU B 56 7.02 -29.87 13.26
C GLU B 56 5.70 -29.77 12.50
N LEU B 57 5.37 -30.82 11.76
CA LEU B 57 4.11 -30.87 11.05
C LEU B 57 3.23 -31.91 11.75
N GLN B 58 3.86 -32.86 12.43
CA GLN B 58 3.15 -33.93 13.15
C GLN B 58 2.27 -33.37 14.26
N ASP B 59 0.98 -33.69 14.20
CA ASP B 59 0.01 -33.26 15.19
C ASP B 59 -0.18 -31.75 15.22
N ARG B 60 0.32 -31.08 14.19
CA ARG B 60 0.20 -29.63 14.13
C ARG B 60 -1.14 -29.10 13.62
N LEU B 61 -1.59 -28.00 14.21
CA LEU B 61 -2.85 -27.35 13.83
C LEU B 61 -2.55 -26.44 12.65
N VAL B 62 -3.33 -26.57 11.59
CA VAL B 62 -3.12 -25.79 10.38
C VAL B 62 -4.39 -25.15 9.80
N VAL B 63 -4.19 -24.24 8.85
CA VAL B 63 -5.26 -23.53 8.19
C VAL B 63 -5.33 -24.13 6.78
N VAL B 64 -6.47 -24.77 6.48
CA VAL B 64 -6.62 -25.45 5.20
C VAL B 64 -7.71 -24.95 4.26
N LEU B 65 -7.34 -24.71 3.01
CA LEU B 65 -8.29 -24.27 2.00
C LEU B 65 -8.96 -25.57 1.58
N CYS B 66 -10.27 -25.66 1.77
CA CYS B 66 -10.99 -26.89 1.47
C CYS B 66 -11.89 -27.00 0.25
N ASN B 67 -12.30 -25.88 -0.34
CA ASN B 67 -13.18 -25.97 -1.50
C ASN B 67 -12.47 -25.83 -2.85
N LEU B 68 -11.28 -26.40 -2.95
CA LEU B 68 -10.53 -26.38 -4.21
C LEU B 68 -10.82 -27.66 -4.96
N LYS B 69 -10.79 -27.59 -6.29
CA LYS B 69 -11.03 -28.75 -7.14
C LYS B 69 -9.85 -29.69 -6.92
N PRO B 70 -10.13 -30.93 -6.46
CA PRO B 70 -9.06 -31.89 -6.22
C PRO B 70 -8.15 -32.04 -7.43
N GLN B 71 -6.87 -32.29 -7.20
CA GLN B 71 -5.92 -32.47 -8.28
C GLN B 71 -4.75 -33.34 -7.83
N LYS B 72 -4.28 -34.19 -8.74
CA LYS B 72 -3.17 -35.09 -8.45
C LYS B 72 -1.83 -34.36 -8.57
N MET B 73 -1.04 -34.44 -7.50
CA MET B 73 0.27 -33.82 -7.47
C MET B 73 1.31 -34.93 -7.46
N ARG B 74 2.02 -35.09 -8.57
CA ARG B 74 3.03 -36.14 -8.70
C ARG B 74 2.41 -37.52 -8.48
N GLY B 75 1.18 -37.70 -8.95
CA GLY B 75 0.51 -38.98 -8.82
C GLY B 75 -0.45 -39.09 -7.66
N VAL B 76 -0.26 -38.27 -6.63
CA VAL B 76 -1.11 -38.31 -5.45
C VAL B 76 -2.18 -37.22 -5.52
N GLU B 77 -3.43 -37.58 -5.25
CA GLU B 77 -4.50 -36.59 -5.29
C GLU B 77 -4.58 -35.83 -3.98
N SER B 78 -4.50 -34.50 -4.06
CA SER B 78 -4.59 -33.66 -2.88
C SER B 78 -6.02 -33.16 -2.78
N GLN B 79 -6.61 -33.29 -1.60
CA GLN B 79 -7.98 -32.87 -1.35
C GLN B 79 -8.03 -31.57 -0.56
N GLY B 80 -7.01 -30.76 -0.72
CA GLY B 80 -6.96 -29.49 -0.01
C GLY B 80 -5.56 -28.92 -0.06
N MET B 81 -5.39 -27.69 0.45
CA MET B 81 -4.08 -27.06 0.45
C MET B 81 -3.85 -26.22 1.70
N LEU B 82 -2.67 -26.37 2.29
CA LEU B 82 -2.30 -25.61 3.48
C LEU B 82 -2.01 -24.18 3.08
N LEU B 83 -2.50 -23.23 3.89
CA LEU B 83 -2.23 -21.84 3.62
C LEU B 83 -0.95 -21.49 4.37
N CYS B 84 0.00 -20.87 3.66
CA CYS B 84 1.28 -20.49 4.23
C CYS B 84 1.63 -19.01 4.03
N ALA B 85 2.62 -18.57 4.81
CA ALA B 85 3.14 -17.23 4.71
C ALA B 85 4.43 -17.44 3.94
N SER B 86 4.77 -16.51 3.05
CA SER B 86 5.98 -16.66 2.27
C SER B 86 6.56 -15.33 1.83
N ILE B 87 7.88 -15.28 1.79
CA ILE B 87 8.61 -14.10 1.37
C ILE B 87 9.68 -14.55 0.41
N GLU B 88 9.76 -13.89 -0.75
CA GLU B 88 10.76 -14.23 -1.75
C GLU B 88 12.02 -13.43 -1.47
N GLY B 89 13.13 -14.12 -1.30
CA GLY B 89 14.39 -13.47 -1.04
C GLY B 89 15.50 -14.20 -1.77
N ILE B 90 16.72 -14.18 -1.23
CA ILE B 90 17.81 -14.87 -1.89
C ILE B 90 17.46 -16.35 -1.94
N ASN B 91 16.66 -16.76 -0.97
CA ASN B 91 16.16 -18.13 -0.86
C ASN B 91 14.73 -17.94 -0.36
N ARG B 92 13.82 -18.79 -0.78
CA ARG B 92 12.44 -18.66 -0.33
C ARG B 92 12.34 -18.91 1.17
N GLN B 93 11.31 -18.32 1.78
CA GLN B 93 11.02 -18.47 3.20
C GLN B 93 9.53 -18.80 3.28
N VAL B 94 9.21 -19.90 3.94
CA VAL B 94 7.83 -20.33 4.09
C VAL B 94 7.50 -20.82 5.49
N GLU B 95 6.33 -20.42 5.98
CA GLU B 95 5.84 -20.83 7.29
C GLU B 95 4.34 -21.11 7.15
N PRO B 96 3.87 -22.25 7.67
CA PRO B 96 2.42 -22.52 7.55
C PRO B 96 1.66 -21.55 8.47
N LEU B 97 0.46 -21.17 8.08
CA LEU B 97 -0.30 -20.25 8.92
C LEU B 97 -0.75 -21.01 10.17
N ASP B 98 -0.86 -20.29 11.28
CA ASP B 98 -1.25 -20.90 12.53
C ASP B 98 -2.60 -20.41 13.03
N PRO B 99 -3.49 -21.36 13.38
CA PRO B 99 -4.82 -21.01 13.89
C PRO B 99 -4.62 -20.48 15.30
N PRO B 100 -5.60 -19.74 15.84
CA PRO B 100 -5.42 -19.22 17.20
C PRO B 100 -5.26 -20.35 18.22
N ALA B 101 -4.54 -20.06 19.31
CA ALA B 101 -4.32 -21.07 20.34
C ALA B 101 -5.64 -21.63 20.90
N GLY B 102 -5.70 -22.94 21.02
CA GLY B 102 -6.88 -23.61 21.54
C GLY B 102 -7.92 -23.93 20.48
N SER B 103 -7.53 -23.91 19.21
CA SER B 103 -8.49 -24.20 18.14
C SER B 103 -8.62 -25.69 17.85
N ALA B 104 -9.75 -26.08 17.28
CA ALA B 104 -10.04 -27.47 16.98
C ALA B 104 -10.38 -27.71 15.51
N PRO B 105 -10.11 -28.92 15.01
CA PRO B 105 -10.37 -29.33 13.63
C PRO B 105 -11.77 -28.99 13.14
N GLY B 106 -11.85 -28.41 11.93
CA GLY B 106 -13.12 -28.07 11.35
C GLY B 106 -13.58 -26.64 11.61
N GLU B 107 -13.03 -26.00 12.63
CA GLU B 107 -13.40 -24.63 12.96
C GLU B 107 -13.26 -23.69 11.76
N HIS B 108 -14.29 -22.87 11.57
CA HIS B 108 -14.40 -21.92 10.48
C HIS B 108 -13.37 -20.78 10.50
N VAL B 109 -12.60 -20.69 9.41
CA VAL B 109 -11.61 -19.63 9.27
C VAL B 109 -12.18 -18.63 8.27
N PHE B 110 -12.27 -17.37 8.66
CA PHE B 110 -12.84 -16.33 7.80
C PHE B 110 -12.16 -14.97 7.98
N VAL B 111 -12.49 -14.03 7.11
CA VAL B 111 -11.94 -12.68 7.21
C VAL B 111 -13.00 -11.87 7.94
N LYS B 112 -12.59 -11.08 8.93
CA LYS B 112 -13.55 -10.28 9.69
C LYS B 112 -14.47 -9.52 8.75
N GLY B 113 -15.78 -9.63 8.99
CA GLY B 113 -16.76 -8.98 8.15
C GLY B 113 -17.31 -9.91 7.06
N TYR B 114 -16.69 -11.07 6.87
CA TYR B 114 -17.13 -12.00 5.85
C TYR B 114 -17.31 -13.43 6.39
N GLU B 115 -17.88 -13.52 7.58
CA GLU B 115 -18.09 -14.81 8.22
C GLU B 115 -19.33 -15.59 7.80
N LYS B 116 -20.39 -14.87 7.41
CA LYS B 116 -21.65 -15.51 7.01
C LYS B 116 -21.71 -15.97 5.56
N GLY B 117 -20.93 -15.35 4.69
CA GLY B 117 -20.96 -15.73 3.28
C GLY B 117 -20.72 -17.22 3.04
N GLN B 118 -21.45 -17.80 2.10
CA GLN B 118 -21.29 -19.21 1.77
C GLN B 118 -20.18 -19.40 0.74
N PRO B 119 -19.32 -20.41 0.94
CA PRO B 119 -18.21 -20.72 0.04
C PRO B 119 -18.68 -21.27 -1.28
N ASP B 120 -17.83 -21.22 -2.29
CA ASP B 120 -18.18 -21.77 -3.60
C ASP B 120 -18.20 -23.29 -3.44
N GLU B 121 -19.20 -23.95 -4.03
CA GLU B 121 -19.29 -25.40 -3.95
C GLU B 121 -17.93 -25.98 -4.28
N GLU B 122 -17.33 -25.43 -5.32
CA GLU B 122 -16.00 -25.82 -5.78
C GLU B 122 -15.48 -24.66 -6.61
N LEU B 123 -14.26 -24.22 -6.31
CA LEU B 123 -13.66 -23.11 -7.03
C LEU B 123 -13.26 -23.48 -8.45
N LYS B 124 -13.67 -22.68 -9.41
CA LYS B 124 -13.36 -22.92 -10.81
C LYS B 124 -12.03 -22.25 -11.17
N PRO B 125 -11.05 -23.04 -11.62
CA PRO B 125 -9.74 -22.47 -11.97
C PRO B 125 -9.88 -21.25 -12.88
N LYS B 126 -10.72 -21.37 -13.90
CA LYS B 126 -10.94 -20.30 -14.86
C LYS B 126 -11.31 -18.96 -14.24
N LYS B 127 -12.13 -18.98 -13.20
CA LYS B 127 -12.55 -17.75 -12.54
C LYS B 127 -11.49 -17.13 -11.65
N LYS B 128 -10.46 -17.91 -11.32
CA LYS B 128 -9.35 -17.45 -10.49
C LYS B 128 -9.74 -16.62 -9.27
N VAL B 129 -10.77 -17.06 -8.56
CA VAL B 129 -11.23 -16.34 -7.38
C VAL B 129 -10.11 -16.26 -6.33
N PHE B 130 -9.40 -17.36 -6.11
CA PHE B 130 -8.32 -17.35 -5.12
C PHE B 130 -7.22 -16.34 -5.43
N GLU B 131 -6.68 -16.37 -6.65
CA GLU B 131 -5.61 -15.44 -7.02
C GLU B 131 -6.05 -13.97 -7.03
N LYS B 132 -7.32 -13.71 -7.31
CA LYS B 132 -7.82 -12.36 -7.31
C LYS B 132 -7.96 -11.85 -5.87
N LEU B 133 -8.26 -12.75 -4.94
CA LEU B 133 -8.36 -12.36 -3.53
C LEU B 133 -6.92 -12.28 -3.04
N GLN B 134 -6.09 -13.16 -3.56
CA GLN B 134 -4.69 -13.23 -3.17
C GLN B 134 -3.94 -11.91 -3.37
N ALA B 135 -4.33 -11.16 -4.39
CA ALA B 135 -3.71 -9.88 -4.69
C ALA B 135 -3.84 -8.89 -3.54
N ASP B 136 -4.70 -9.21 -2.58
CA ASP B 136 -4.87 -8.33 -1.44
C ASP B 136 -4.53 -9.04 -0.14
N PHE B 137 -3.90 -10.20 -0.27
CA PHE B 137 -3.47 -10.99 0.89
C PHE B 137 -2.11 -10.50 1.36
N LYS B 138 -1.93 -10.39 2.67
CA LYS B 138 -0.63 -9.97 3.19
C LYS B 138 -0.54 -10.14 4.69
N ILE B 139 0.66 -10.50 5.16
CA ILE B 139 0.91 -10.67 6.59
C ILE B 139 1.22 -9.28 7.17
N SER B 140 0.47 -8.86 8.18
CA SER B 140 0.69 -7.54 8.78
C SER B 140 2.04 -7.46 9.49
N GLU B 141 2.37 -6.27 9.97
CA GLU B 141 3.62 -6.08 10.68
C GLU B 141 3.63 -6.84 11.99
N GLU B 142 2.46 -7.19 12.48
CA GLU B 142 2.35 -7.93 13.73
C GLU B 142 2.28 -9.43 13.43
N CYS B 143 2.54 -9.79 12.18
CA CYS B 143 2.51 -11.19 11.74
C CYS B 143 1.10 -11.78 11.67
N ILE B 144 0.11 -10.94 11.38
CA ILE B 144 -1.27 -11.43 11.27
C ILE B 144 -1.71 -11.53 9.82
N ALA B 145 -2.30 -12.67 9.46
CA ALA B 145 -2.75 -12.86 8.08
C ALA B 145 -3.98 -11.99 7.81
N GLN B 146 -3.92 -11.22 6.74
CA GLN B 146 -5.04 -10.33 6.40
C GLN B 146 -5.37 -10.25 4.92
N TRP B 147 -6.53 -9.66 4.65
CA TRP B 147 -7.03 -9.42 3.30
C TRP B 147 -7.44 -7.96 3.38
N LYS B 148 -6.88 -7.13 2.49
CA LYS B 148 -7.17 -5.70 2.51
C LYS B 148 -7.04 -5.21 3.93
N GLN B 149 -5.95 -5.63 4.57
CA GLN B 149 -5.61 -5.25 5.94
C GLN B 149 -6.70 -5.59 6.93
N THR B 150 -7.40 -6.69 6.67
CA THR B 150 -8.47 -7.15 7.54
C THR B 150 -8.09 -8.57 7.98
N ASN B 151 -8.15 -8.81 9.29
CA ASN B 151 -7.79 -10.09 9.88
C ASN B 151 -8.51 -11.37 9.49
N PHE B 152 -7.73 -12.43 9.27
CA PHE B 152 -8.31 -13.74 9.02
C PHE B 152 -8.46 -14.18 10.47
N MET B 153 -9.49 -14.94 10.78
CA MET B 153 -9.69 -15.35 12.16
C MET B 153 -10.72 -16.45 12.30
N THR B 154 -10.93 -16.86 13.54
CA THR B 154 -11.92 -17.87 13.88
C THR B 154 -12.56 -17.26 15.12
N LYS B 155 -13.58 -17.90 15.66
CA LYS B 155 -14.21 -17.35 16.85
C LYS B 155 -13.20 -17.24 17.98
N LEU B 156 -12.16 -18.08 17.95
CA LEU B 156 -11.13 -18.08 18.99
C LEU B 156 -9.95 -17.12 18.82
N GLY B 157 -9.93 -16.38 17.73
CA GLY B 157 -8.81 -15.45 17.53
C GLY B 157 -8.33 -15.41 16.10
N SER B 158 -7.38 -14.51 15.82
CA SER B 158 -6.87 -14.35 14.47
C SER B 158 -5.78 -15.33 14.05
N ILE B 159 -5.63 -15.45 12.74
CA ILE B 159 -4.63 -16.32 12.10
C ILE B 159 -3.32 -15.56 12.01
N SER B 160 -2.22 -16.25 12.34
CA SER B 160 -0.91 -15.62 12.31
C SER B 160 0.11 -16.58 11.76
N CYS B 161 1.38 -16.14 11.77
CA CYS B 161 2.50 -16.97 11.33
C CYS B 161 3.65 -16.65 12.29
N LYS B 162 4.64 -17.52 12.34
CA LYS B 162 5.75 -17.33 13.25
C LYS B 162 6.55 -16.04 13.07
N SER B 163 6.89 -15.66 11.83
CA SER B 163 7.72 -14.47 11.67
C SER B 163 7.72 -13.70 10.35
N LEU B 164 7.08 -14.22 9.31
CA LEU B 164 7.11 -13.54 8.02
C LEU B 164 6.25 -12.29 7.85
N LYS B 165 6.52 -11.27 8.66
CA LYS B 165 5.79 -10.00 8.58
C LYS B 165 5.97 -9.44 7.18
N GLY B 166 4.90 -8.88 6.62
CA GLY B 166 4.99 -8.31 5.28
C GLY B 166 5.02 -9.33 4.17
N GLY B 167 4.94 -10.61 4.53
CA GLY B 167 4.97 -11.66 3.53
C GLY B 167 3.67 -11.90 2.80
N ASN B 168 3.67 -12.85 1.87
CA ASN B 168 2.47 -13.19 1.10
C ASN B 168 1.77 -14.40 1.72
N ILE B 169 0.53 -14.62 1.31
CA ILE B 169 -0.23 -15.78 1.76
C ILE B 169 -0.30 -16.64 0.51
N SER B 170 0.25 -17.85 0.57
CA SER B 170 0.27 -18.70 -0.61
C SER B 170 -0.03 -20.17 -0.40
N LEU B 171 -0.27 -20.85 -1.53
CA LEU B 171 -0.60 -22.27 -1.56
C LEU B 171 0.62 -23.12 -1.91
N GLU B 172 1.67 -22.47 -2.40
CA GLU B 172 2.90 -23.15 -2.80
C GLU B 172 2.65 -24.11 -3.96
N PRO C 2 -9.08 22.13 28.71
CA PRO C 2 -7.71 22.68 28.63
C PRO C 2 -7.16 22.77 27.20
N GLU C 3 -5.87 23.04 27.10
CA GLU C 3 -5.19 23.18 25.83
C GLU C 3 -4.87 21.82 25.21
N GLU C 4 -5.21 21.66 23.94
CA GLU C 4 -4.96 20.41 23.24
C GLU C 4 -3.51 19.94 23.36
N VAL C 5 -3.34 18.69 23.76
CA VAL C 5 -2.03 18.10 23.91
C VAL C 5 -1.68 17.35 22.63
N ILE C 6 -0.96 18.05 21.74
CA ILE C 6 -0.54 17.48 20.48
C ILE C 6 0.99 17.56 20.38
N PRO C 7 1.61 16.67 19.58
CA PRO C 7 3.07 16.66 19.42
C PRO C 7 3.75 17.89 18.80
N SER C 8 2.99 18.75 18.12
CA SER C 8 3.61 19.94 17.54
C SER C 8 4.00 20.94 18.64
N ARG C 9 3.57 20.68 19.88
CA ARG C 9 3.92 21.59 20.97
C ARG C 9 5.33 21.35 21.46
N LEU C 10 5.97 20.31 20.94
CA LEU C 10 7.34 19.98 21.30
C LEU C 10 8.25 20.55 20.22
N ASP C 11 9.35 21.18 20.62
CA ASP C 11 10.28 21.76 19.67
C ASP C 11 11.40 20.73 19.51
N ILE C 12 11.30 19.89 18.49
CA ILE C 12 12.28 18.85 18.25
C ILE C 12 13.04 19.16 16.98
N ARG C 13 14.36 18.98 17.01
CA ARG C 13 15.15 19.27 15.83
C ARG C 13 16.33 18.33 15.71
N VAL C 14 16.78 18.15 14.48
CA VAL C 14 17.95 17.30 14.25
C VAL C 14 19.14 18.00 14.87
N GLY C 15 20.04 17.23 15.45
CA GLY C 15 21.21 17.83 16.06
C GLY C 15 22.48 17.14 15.63
N LYS C 16 23.59 17.84 15.80
CA LYS C 16 24.92 17.34 15.44
C LYS C 16 25.82 17.50 16.66
N ILE C 17 26.25 16.38 17.24
CA ILE C 17 27.11 16.44 18.40
C ILE C 17 28.51 16.92 17.99
N ILE C 18 28.84 18.15 18.39
CA ILE C 18 30.13 18.74 18.05
C ILE C 18 31.26 18.25 18.96
N THR C 19 30.98 18.16 20.26
CA THR C 19 31.98 17.69 21.22
C THR C 19 31.34 16.85 22.33
N VAL C 20 32.04 15.79 22.75
CA VAL C 20 31.56 14.91 23.82
C VAL C 20 32.66 14.69 24.86
N GLU C 21 32.30 14.86 26.13
CA GLU C 21 33.24 14.67 27.24
C GLU C 21 32.50 14.09 28.43
N LYS C 22 33.19 13.30 29.24
CA LYS C 22 32.57 12.72 30.41
C LYS C 22 32.24 13.86 31.35
N HIS C 23 31.12 13.73 32.05
CA HIS C 23 30.72 14.75 32.99
C HIS C 23 31.68 14.71 34.17
N PRO C 24 32.26 15.87 34.54
CA PRO C 24 33.21 16.02 35.63
C PRO C 24 32.80 15.32 36.93
N ASP C 25 31.60 15.63 37.41
CA ASP C 25 31.10 15.06 38.66
C ASP C 25 29.99 14.03 38.49
N ALA C 26 30.13 13.13 37.52
CA ALA C 26 29.13 12.09 37.30
C ALA C 26 29.65 10.99 36.39
N ASP C 27 29.61 9.76 36.89
CA ASP C 27 30.08 8.59 36.14
C ASP C 27 29.21 8.18 34.96
N SER C 28 27.90 8.39 35.08
CA SER C 28 26.97 7.98 34.04
C SER C 28 26.62 9.03 32.99
N LEU C 29 27.10 10.25 33.17
CA LEU C 29 26.77 11.32 32.23
C LEU C 29 27.86 11.83 31.31
N TYR C 30 27.43 12.29 30.15
CA TYR C 30 28.30 12.88 29.15
C TYR C 30 27.79 14.30 29.07
N VAL C 31 28.66 15.21 28.65
CA VAL C 31 28.30 16.61 28.46
C VAL C 31 28.63 16.86 27.00
N GLU C 32 27.65 17.26 26.21
CA GLU C 32 27.90 17.49 24.77
C GLU C 32 27.60 18.90 24.30
N LYS C 33 28.19 19.24 23.16
CA LYS C 33 27.94 20.53 22.54
C LYS C 33 27.26 20.10 21.25
N ILE C 34 26.01 20.51 21.07
CA ILE C 34 25.27 20.08 19.90
C ILE C 34 24.79 21.24 19.06
N ASP C 35 25.07 21.18 17.77
CA ASP C 35 24.63 22.23 16.87
C ASP C 35 23.18 21.92 16.53
N VAL C 36 22.28 22.76 17.02
CA VAL C 36 20.86 22.58 16.78
C VAL C 36 20.36 23.69 15.84
N GLY C 37 21.18 24.02 14.85
CA GLY C 37 20.81 25.05 13.89
C GLY C 37 20.93 26.48 14.37
N GLU C 38 21.06 26.68 15.68
CA GLU C 38 21.17 28.02 16.22
C GLU C 38 22.59 28.58 16.01
N ALA C 39 22.82 29.79 16.51
CA ALA C 39 24.12 30.43 16.39
C ALA C 39 25.13 29.60 17.17
N GLU C 40 24.97 29.61 18.50
CA GLU C 40 25.85 28.87 19.39
C GLU C 40 25.30 27.47 19.66
N PRO C 41 26.21 26.47 19.75
CA PRO C 41 25.78 25.10 20.01
C PRO C 41 25.25 25.02 21.43
N ARG C 42 24.22 24.21 21.64
CA ARG C 42 23.66 24.07 22.99
C ARG C 42 24.48 23.06 23.76
N THR C 43 24.37 23.10 25.08
CA THR C 43 25.06 22.18 25.97
C THR C 43 23.99 21.17 26.39
N VAL C 44 24.27 19.89 26.16
CA VAL C 44 23.32 18.81 26.49
C VAL C 44 23.95 17.70 27.35
N VAL C 45 23.29 17.38 28.46
CA VAL C 45 23.77 16.33 29.36
C VAL C 45 23.03 15.02 29.09
N SER C 46 23.77 13.99 28.71
CA SER C 46 23.17 12.70 28.38
C SER C 46 23.64 11.53 29.26
N GLY C 47 22.67 10.78 29.80
CA GLY C 47 23.00 9.65 30.64
C GLY C 47 23.31 8.44 29.79
N LEU C 48 24.33 8.56 28.94
CA LEU C 48 24.69 7.48 28.03
C LEU C 48 26.06 6.82 28.19
N VAL C 49 26.83 7.23 29.18
CA VAL C 49 28.17 6.67 29.36
C VAL C 49 28.21 5.15 29.35
N GLN C 50 27.45 4.53 30.26
CA GLN C 50 27.42 3.08 30.35
C GLN C 50 26.62 2.39 29.25
N PHE C 51 26.20 3.17 28.26
CA PHE C 51 25.41 2.67 27.14
C PHE C 51 26.11 2.78 25.78
N VAL C 52 26.55 3.99 25.45
CA VAL C 52 27.20 4.24 24.17
C VAL C 52 28.63 4.77 24.31
N PRO C 53 29.59 4.11 23.64
CA PRO C 53 30.99 4.56 23.70
C PRO C 53 31.14 5.96 23.12
N LYS C 54 31.85 6.82 23.83
CA LYS C 54 32.07 8.20 23.42
C LYS C 54 32.38 8.38 21.94
N GLU C 55 33.01 7.38 21.33
CA GLU C 55 33.35 7.45 19.91
C GLU C 55 32.14 7.34 18.98
N GLU C 56 31.02 6.85 19.51
CA GLU C 56 29.83 6.71 18.68
C GLU C 56 28.90 7.90 18.82
N LEU C 57 29.29 8.86 19.64
CA LEU C 57 28.50 10.07 19.82
C LEU C 57 29.19 11.26 19.16
N GLN C 58 30.49 11.14 18.92
CA GLN C 58 31.24 12.22 18.28
C GLN C 58 30.82 12.37 16.82
N ASP C 59 30.40 13.57 16.44
CA ASP C 59 29.98 13.85 15.07
C ASP C 59 28.68 13.11 14.70
N ARG C 60 27.91 12.70 15.71
CA ARG C 60 26.67 11.98 15.47
C ARG C 60 25.47 12.89 15.27
N LEU C 61 24.56 12.46 14.41
CA LEU C 61 23.34 13.21 14.15
C LEU C 61 22.31 12.64 15.12
N VAL C 62 21.72 13.54 15.91
CA VAL C 62 20.76 13.13 16.92
C VAL C 62 19.44 13.88 16.78
N VAL C 63 18.49 13.53 17.65
CA VAL C 63 17.17 14.16 17.68
C VAL C 63 17.07 14.84 19.04
N VAL C 64 16.93 16.16 19.04
CA VAL C 64 16.90 16.91 20.29
C VAL C 64 15.61 17.64 20.62
N LEU C 65 15.24 17.60 21.90
CA LEU C 65 14.04 18.29 22.36
C LEU C 65 14.59 19.64 22.79
N CYS C 66 14.08 20.73 22.21
CA CYS C 66 14.60 22.07 22.51
C CYS C 66 13.80 23.05 23.33
N ASN C 67 12.52 22.81 23.51
CA ASN C 67 11.75 23.77 24.29
C ASN C 67 11.55 23.36 25.74
N LEU C 68 12.59 22.77 26.31
CA LEU C 68 12.56 22.34 27.71
C LEU C 68 13.16 23.46 28.56
N LYS C 69 12.69 23.57 29.79
CA LYS C 69 13.22 24.59 30.70
C LYS C 69 14.61 24.09 31.08
N PRO C 70 15.63 24.93 30.93
CA PRO C 70 17.00 24.53 31.28
C PRO C 70 17.04 23.96 32.69
N GLN C 71 17.74 22.83 32.85
CA GLN C 71 17.88 22.20 34.16
C GLN C 71 19.33 21.82 34.41
N LYS C 72 19.81 22.11 35.61
CA LYS C 72 21.18 21.80 35.98
C LYS C 72 21.24 20.33 36.42
N MET C 73 22.24 19.62 35.92
CA MET C 73 22.42 18.22 36.26
C MET C 73 23.84 18.04 36.77
N ARG C 74 23.97 17.72 38.06
CA ARG C 74 25.27 17.54 38.70
C ARG C 74 26.17 18.75 38.45
N GLY C 75 25.59 19.95 38.51
CA GLY C 75 26.37 21.15 38.32
C GLY C 75 26.38 21.75 36.93
N VAL C 76 26.19 20.93 35.90
CA VAL C 76 26.20 21.43 34.53
C VAL C 76 24.78 21.66 34.03
N GLU C 77 24.57 22.79 33.37
CA GLU C 77 23.25 23.13 32.85
C GLU C 77 22.97 22.57 31.46
N SER C 78 21.92 21.77 31.37
CA SER C 78 21.54 21.17 30.09
C SER C 78 20.55 22.11 29.42
N GLN C 79 20.73 22.35 28.13
CA GLN C 79 19.86 23.26 27.37
C GLN C 79 19.02 22.50 26.35
N GLY C 80 18.99 21.17 26.50
CA GLY C 80 18.23 20.33 25.59
C GLY C 80 18.48 18.89 25.97
N MET C 81 17.66 17.98 25.46
CA MET C 81 17.81 16.56 25.77
C MET C 81 17.71 15.69 24.54
N LEU C 82 18.46 14.60 24.53
CA LEU C 82 18.43 13.66 23.40
C LEU C 82 17.23 12.73 23.56
N LEU C 83 16.50 12.49 22.47
CA LEU C 83 15.38 11.58 22.52
C LEU C 83 15.98 10.23 22.20
N CYS C 84 15.63 9.23 23.00
CA CYS C 84 16.16 7.89 22.80
C CYS C 84 15.05 6.84 22.80
N ALA C 85 15.42 5.66 22.33
CA ALA C 85 14.53 4.53 22.32
C ALA C 85 15.03 3.74 23.54
N SER C 86 14.12 3.24 24.34
CA SER C 86 14.52 2.45 25.51
C SER C 86 13.56 1.33 25.87
N ILE C 87 14.14 0.27 26.42
CA ILE C 87 13.40 -0.91 26.84
C ILE C 87 13.94 -1.34 28.20
N GLU C 88 13.04 -1.43 29.18
CA GLU C 88 13.42 -1.83 30.53
C GLU C 88 13.34 -3.34 30.65
N GLY C 89 14.48 -4.00 30.43
CA GLY C 89 14.55 -5.44 30.53
C GLY C 89 15.32 -5.80 31.79
N ILE C 90 15.98 -6.95 31.80
CA ILE C 90 16.75 -7.38 32.95
C ILE C 90 17.79 -6.28 33.25
N ASN C 91 18.15 -5.55 32.22
CA ASN C 91 19.05 -4.40 32.29
C ASN C 91 18.50 -3.37 31.31
N ARG C 92 18.73 -2.09 31.57
CA ARG C 92 18.23 -1.09 30.64
C ARG C 92 18.87 -1.26 29.28
N GLN C 93 18.17 -0.78 28.25
CA GLN C 93 18.63 -0.83 26.86
C GLN C 93 18.28 0.54 26.29
N VAL C 94 19.28 1.23 25.77
CA VAL C 94 19.05 2.55 25.21
C VAL C 94 19.84 2.80 23.93
N GLU C 95 19.22 3.54 23.02
CA GLU C 95 19.82 3.92 21.74
C GLU C 95 19.28 5.30 21.44
N PRO C 96 20.13 6.23 20.98
CA PRO C 96 19.57 7.55 20.69
C PRO C 96 18.81 7.45 19.37
N LEU C 97 17.78 8.26 19.20
CA LEU C 97 17.00 8.25 17.96
C LEU C 97 17.87 8.79 16.84
N ASP C 98 17.71 8.21 15.66
CA ASP C 98 18.48 8.60 14.48
C ASP C 98 17.67 9.35 13.43
N PRO C 99 18.15 10.55 13.03
CA PRO C 99 17.46 11.35 12.01
C PRO C 99 17.82 10.70 10.68
N PRO C 100 17.14 11.07 9.59
CA PRO C 100 17.53 10.41 8.34
C PRO C 100 18.95 10.76 7.93
N ALA C 101 19.71 9.74 7.55
CA ALA C 101 21.10 9.90 7.15
C ALA C 101 21.35 11.16 6.32
N GLY C 102 22.21 12.04 6.83
CA GLY C 102 22.53 13.26 6.12
C GLY C 102 21.71 14.50 6.42
N SER C 103 20.90 14.44 7.47
CA SER C 103 20.06 15.58 7.85
C SER C 103 20.91 16.77 8.28
N ALA C 104 20.28 17.94 8.32
CA ALA C 104 20.95 19.16 8.71
C ALA C 104 20.60 19.63 10.12
N PRO C 105 21.59 20.17 10.85
CA PRO C 105 21.41 20.66 12.21
C PRO C 105 20.32 21.71 12.30
N GLY C 106 19.32 21.45 13.15
CA GLY C 106 18.24 22.40 13.31
C GLY C 106 17.00 22.05 12.50
N GLU C 107 17.13 21.07 11.61
CA GLU C 107 16.00 20.65 10.79
C GLU C 107 14.82 20.25 11.69
N HIS C 108 13.65 20.79 11.34
CA HIS C 108 12.41 20.54 12.07
C HIS C 108 12.03 19.06 12.14
N VAL C 109 11.85 18.54 13.34
CA VAL C 109 11.43 17.15 13.49
C VAL C 109 9.96 17.22 13.91
N PHE C 110 9.11 16.40 13.30
CA PHE C 110 7.68 16.43 13.59
C PHE C 110 6.96 15.11 13.36
N VAL C 111 5.74 15.02 13.87
CA VAL C 111 4.93 13.83 13.64
C VAL C 111 4.08 14.16 12.41
N LYS C 112 4.06 13.25 11.44
CA LYS C 112 3.28 13.46 10.20
C LYS C 112 1.87 13.96 10.50
N GLY C 113 1.49 15.05 9.85
CA GLY C 113 0.18 15.64 10.07
C GLY C 113 0.19 16.72 11.15
N TYR C 114 1.31 16.85 11.85
CA TYR C 114 1.48 17.84 12.92
C TYR C 114 2.76 18.63 12.70
N GLU C 115 2.96 19.06 11.46
CA GLU C 115 4.16 19.80 11.08
C GLU C 115 4.09 21.31 11.22
N LYS C 116 2.89 21.88 11.02
CA LYS C 116 2.72 23.33 11.08
C LYS C 116 2.56 23.98 12.45
N GLY C 117 2.18 23.20 13.46
CA GLY C 117 1.98 23.78 14.78
C GLY C 117 3.20 24.44 15.42
N GLN C 118 2.96 25.45 16.25
CA GLN C 118 4.03 26.16 16.94
C GLN C 118 4.30 25.58 18.32
N PRO C 119 5.57 25.31 18.63
CA PRO C 119 5.99 24.74 19.92
C PRO C 119 5.59 25.66 21.06
N ASP C 120 5.54 25.14 22.28
CA ASP C 120 5.25 26.00 23.41
C ASP C 120 6.56 26.80 23.58
N GLU C 121 6.47 28.04 24.04
CA GLU C 121 7.67 28.85 24.22
C GLU C 121 8.64 28.10 25.12
N GLU C 122 8.10 27.43 26.13
CA GLU C 122 8.88 26.62 27.06
C GLU C 122 7.92 25.70 27.80
N LEU C 123 8.18 24.39 27.71
CA LEU C 123 7.36 23.39 28.36
C LEU C 123 7.29 23.61 29.86
N LYS C 124 6.08 23.63 30.40
CA LYS C 124 5.89 23.83 31.83
C LYS C 124 5.71 22.48 32.51
N PRO C 125 6.68 22.10 33.36
CA PRO C 125 6.64 20.82 34.08
C PRO C 125 5.26 20.43 34.62
N LYS C 126 4.61 21.35 35.32
CA LYS C 126 3.29 21.11 35.90
C LYS C 126 2.28 20.60 34.89
N LYS C 127 2.35 21.10 33.66
CA LYS C 127 1.41 20.68 32.63
C LYS C 127 1.67 19.27 32.10
N LYS C 128 2.90 18.80 32.25
CA LYS C 128 3.25 17.45 31.82
C LYS C 128 2.88 17.14 30.37
N VAL C 129 2.95 18.15 29.49
CA VAL C 129 2.61 17.95 28.09
C VAL C 129 3.45 16.83 27.49
N PHE C 130 4.70 16.74 27.92
CA PHE C 130 5.59 15.72 27.40
C PHE C 130 5.24 14.31 27.84
N GLU C 131 5.03 14.09 29.14
CA GLU C 131 4.69 12.75 29.60
C GLU C 131 3.34 12.34 29.03
N LYS C 132 2.45 13.30 28.85
CA LYS C 132 1.14 12.99 28.29
C LYS C 132 1.27 12.54 26.85
N LEU C 133 2.20 13.14 26.12
CA LEU C 133 2.44 12.78 24.73
C LEU C 133 3.16 11.44 24.71
N GLN C 134 4.05 11.27 25.67
CA GLN C 134 4.87 10.06 25.81
C GLN C 134 4.03 8.80 25.99
N ALA C 135 2.87 8.96 26.61
CA ALA C 135 1.97 7.83 26.83
C ALA C 135 1.61 7.14 25.51
N ASP C 136 1.74 7.86 24.40
CA ASP C 136 1.44 7.28 23.10
C ASP C 136 2.69 7.16 22.23
N PHE C 137 3.87 7.26 22.84
CA PHE C 137 5.12 7.15 22.12
C PHE C 137 5.54 5.69 22.10
N LYS C 138 6.08 5.23 20.98
CA LYS C 138 6.52 3.86 20.89
C LYS C 138 7.35 3.63 19.63
N ILE C 139 8.28 2.68 19.69
CA ILE C 139 9.10 2.37 18.52
C ILE C 139 8.37 1.25 17.76
N SER C 140 8.13 1.45 16.48
CA SER C 140 7.42 0.45 15.68
C SER C 140 8.21 -0.84 15.51
N GLU C 141 7.55 -1.88 14.98
CA GLU C 141 8.20 -3.16 14.76
C GLU C 141 9.32 -3.06 13.73
N GLU C 142 9.30 -1.97 12.96
CA GLU C 142 10.34 -1.77 11.96
C GLU C 142 11.30 -0.70 12.45
N CYS C 143 11.30 -0.50 13.77
CA CYS C 143 12.17 0.47 14.45
C CYS C 143 11.97 1.93 14.10
N ILE C 144 10.71 2.33 13.91
CA ILE C 144 10.39 3.72 13.58
C ILE C 144 9.73 4.39 14.79
N ALA C 145 10.18 5.61 15.11
CA ALA C 145 9.63 6.34 16.25
C ALA C 145 8.24 6.86 15.90
N GLN C 146 7.25 6.52 16.73
CA GLN C 146 5.88 6.96 16.46
C GLN C 146 5.10 7.50 17.64
N TRP C 147 4.05 8.24 17.33
CA TRP C 147 3.14 8.79 18.32
C TRP C 147 1.82 8.29 17.77
N LYS C 148 1.13 7.46 18.55
CA LYS C 148 -0.14 6.89 18.11
C LYS C 148 0.08 6.30 16.71
N GLN C 149 1.08 5.45 16.61
CA GLN C 149 1.41 4.77 15.37
C GLN C 149 1.62 5.70 14.19
N THR C 150 2.02 6.93 14.47
CA THR C 150 2.28 7.89 13.40
C THR C 150 3.75 8.28 13.44
N ASN C 151 4.41 8.13 12.31
CA ASN C 151 5.83 8.42 12.14
C ASN C 151 6.37 9.79 12.51
N PHE C 152 7.47 9.81 13.24
CA PHE C 152 8.15 11.07 13.54
C PHE C 152 8.99 11.19 12.28
N MET C 153 9.28 12.40 11.82
CA MET C 153 10.05 12.53 10.59
C MET C 153 10.61 13.91 10.37
N THR C 154 11.37 14.03 9.28
CA THR C 154 11.94 15.28 8.85
C THR C 154 11.59 15.29 7.36
N LYS C 155 11.87 16.39 6.68
CA LYS C 155 11.57 16.47 5.25
C LYS C 155 12.33 15.39 4.48
N LEU C 156 13.35 14.80 5.11
CA LEU C 156 14.18 13.78 4.48
C LEU C 156 13.82 12.32 4.80
N GLY C 157 12.84 12.12 5.67
CA GLY C 157 12.47 10.76 6.01
C GLY C 157 12.07 10.62 7.47
N SER C 158 11.74 9.40 7.88
CA SER C 158 11.29 9.17 9.25
C SER C 158 12.42 8.93 10.26
N ILE C 159 12.10 9.19 11.53
CA ILE C 159 13.05 9.00 12.63
C ILE C 159 13.07 7.53 13.06
N SER C 160 14.27 6.97 13.24
CA SER C 160 14.38 5.57 13.64
C SER C 160 15.39 5.36 14.77
N CYS C 161 15.59 4.10 15.12
CA CYS C 161 16.56 3.70 16.13
C CYS C 161 17.17 2.42 15.58
N LYS C 162 18.25 1.97 16.18
CA LYS C 162 18.94 0.78 15.68
C LYS C 162 18.27 -0.58 15.80
N SER C 163 17.53 -0.84 16.88
CA SER C 163 16.96 -2.17 17.01
C SER C 163 15.94 -2.36 18.13
N LEU C 164 15.71 -1.34 18.93
CA LEU C 164 14.77 -1.47 20.04
C LEU C 164 13.31 -1.32 19.63
N LYS C 165 12.86 -2.16 18.70
CA LYS C 165 11.47 -2.10 18.30
C LYS C 165 10.60 -2.40 19.52
N GLY C 166 9.42 -1.80 19.54
CA GLY C 166 8.51 -1.99 20.65
C GLY C 166 8.93 -1.19 21.87
N GLY C 167 10.06 -0.51 21.77
CA GLY C 167 10.55 0.28 22.90
C GLY C 167 9.89 1.63 23.10
N ASN C 168 10.21 2.26 24.23
CA ASN C 168 9.66 3.58 24.54
C ASN C 168 10.56 4.66 23.94
N ILE C 169 10.06 5.88 23.96
CA ILE C 169 10.77 7.06 23.49
C ILE C 169 10.94 7.86 24.77
N SER C 170 12.19 7.98 25.23
CA SER C 170 12.47 8.67 26.48
C SER C 170 13.56 9.73 26.42
N LEU C 171 13.66 10.50 27.51
CA LEU C 171 14.64 11.57 27.67
C LEU C 171 15.74 11.07 28.61
N GLU C 172 15.51 9.89 29.20
CA GLU C 172 16.47 9.30 30.13
C GLU C 172 16.65 10.20 31.35
N PRO D 2 -51.04 13.37 -7.62
CA PRO D 2 -49.64 13.85 -7.70
C PRO D 2 -49.10 13.90 -9.14
N GLU D 3 -47.82 14.25 -9.25
CA GLU D 3 -47.14 14.36 -10.54
C GLU D 3 -46.85 12.97 -11.11
N GLU D 4 -47.19 12.76 -12.39
CA GLU D 4 -46.98 11.48 -13.05
C GLU D 4 -45.55 10.98 -12.92
N VAL D 5 -45.38 9.70 -12.58
CA VAL D 5 -44.06 9.11 -12.43
C VAL D 5 -43.70 8.35 -13.70
N ILE D 6 -42.97 9.03 -14.58
CA ILE D 6 -42.53 8.45 -15.84
C ILE D 6 -41.01 8.52 -15.93
N PRO D 7 -40.41 7.63 -16.73
CA PRO D 7 -38.96 7.56 -16.91
C PRO D 7 -38.27 8.79 -17.51
N SER D 8 -38.98 9.62 -18.26
CA SER D 8 -38.34 10.80 -18.83
C SER D 8 -37.93 11.81 -17.75
N ARG D 9 -38.42 11.64 -16.53
CA ARG D 9 -38.08 12.58 -15.47
C ARG D 9 -36.65 12.35 -14.98
N LEU D 10 -36.05 11.27 -15.45
CA LEU D 10 -34.67 10.90 -15.10
C LEU D 10 -33.70 11.46 -16.16
N ASP D 11 -32.64 12.13 -15.72
CA ASP D 11 -31.65 12.68 -16.65
C ASP D 11 -30.56 11.62 -16.78
N ILE D 12 -30.64 10.83 -17.85
CA ILE D 12 -29.69 9.75 -18.08
C ILE D 12 -28.95 9.96 -19.40
N ARG D 13 -27.64 9.73 -19.40
CA ARG D 13 -26.86 9.91 -20.62
C ARG D 13 -25.67 8.99 -20.71
N VAL D 14 -25.16 8.86 -21.93
CA VAL D 14 -23.99 8.04 -22.17
C VAL D 14 -22.80 8.74 -21.52
N GLY D 15 -21.89 7.95 -20.98
CA GLY D 15 -20.72 8.53 -20.33
C GLY D 15 -19.46 7.81 -20.75
N LYS D 16 -18.33 8.49 -20.56
CA LYS D 16 -17.04 7.91 -20.90
C LYS D 16 -16.11 8.04 -19.70
N ILE D 17 -15.81 6.93 -19.06
CA ILE D 17 -14.93 6.95 -17.90
C ILE D 17 -13.53 7.38 -18.36
N ILE D 18 -13.13 8.58 -17.97
CA ILE D 18 -11.83 9.11 -18.35
C ILE D 18 -10.74 8.61 -17.41
N THR D 19 -11.03 8.57 -16.12
CA THR D 19 -10.06 8.09 -15.12
C THR D 19 -10.75 7.31 -14.01
N VAL D 20 -10.07 6.26 -13.54
CA VAL D 20 -10.60 5.43 -12.46
C VAL D 20 -9.53 5.17 -11.41
N GLU D 21 -9.83 5.51 -10.17
CA GLU D 21 -8.90 5.29 -9.07
C GLU D 21 -9.66 4.73 -7.88
N LYS D 22 -9.01 3.89 -7.08
CA LYS D 22 -9.66 3.33 -5.91
C LYS D 22 -9.94 4.46 -4.93
N HIS D 23 -11.09 4.42 -4.30
CA HIS D 23 -11.46 5.45 -3.34
C HIS D 23 -10.42 5.47 -2.23
N PRO D 24 -9.95 6.66 -1.84
CA PRO D 24 -8.94 6.82 -0.78
C PRO D 24 -9.35 6.13 0.53
N ASP D 25 -10.55 6.41 1.01
CA ASP D 25 -11.02 5.84 2.27
C ASP D 25 -12.16 4.82 2.11
N ALA D 26 -12.06 3.96 1.10
CA ALA D 26 -13.10 2.95 0.87
C ALA D 26 -12.58 1.79 0.03
N ASP D 27 -12.73 0.58 0.56
CA ASP D 27 -12.27 -0.62 -0.14
C ASP D 27 -13.12 -1.05 -1.32
N SER D 28 -14.41 -0.76 -1.25
CA SER D 28 -15.36 -1.16 -2.28
C SER D 28 -15.69 -0.09 -3.31
N LEU D 29 -15.17 1.11 -3.12
CA LEU D 29 -15.49 2.19 -4.04
C LEU D 29 -14.40 2.62 -5.02
N TYR D 30 -14.83 3.00 -6.21
CA TYR D 30 -13.92 3.50 -7.24
C TYR D 30 -14.36 4.94 -7.36
N VAL D 31 -13.41 5.82 -7.68
CA VAL D 31 -13.72 7.23 -7.89
C VAL D 31 -13.34 7.45 -9.34
N GLU D 32 -14.30 7.88 -10.16
CA GLU D 32 -14.04 8.07 -11.58
C GLU D 32 -14.33 9.46 -12.12
N LYS D 33 -13.70 9.76 -13.24
CA LYS D 33 -13.93 11.03 -13.90
C LYS D 33 -14.62 10.61 -15.16
N ILE D 34 -15.89 10.98 -15.29
CA ILE D 34 -16.69 10.60 -16.44
C ILE D 34 -17.13 11.77 -17.26
N ASP D 35 -16.82 11.72 -18.55
CA ASP D 35 -17.23 12.77 -19.47
C ASP D 35 -18.66 12.43 -19.86
N VAL D 36 -19.58 13.26 -19.41
CA VAL D 36 -20.99 13.04 -19.70
C VAL D 36 -21.40 14.06 -20.76
N GLY D 37 -20.43 14.43 -21.59
CA GLY D 37 -20.66 15.40 -22.65
C GLY D 37 -20.83 16.81 -22.14
N GLU D 38 -20.70 16.98 -20.83
CA GLU D 38 -20.86 18.29 -20.23
C GLU D 38 -19.69 19.25 -20.43
N ALA D 39 -19.93 20.49 -20.04
CA ALA D 39 -18.95 21.55 -20.14
C ALA D 39 -17.88 21.26 -19.09
N GLU D 40 -18.00 20.10 -18.45
CA GLU D 40 -17.05 19.71 -17.41
C GLU D 40 -17.31 18.29 -16.88
N PRO D 41 -16.31 17.40 -17.01
CA PRO D 41 -16.35 15.99 -16.57
C PRO D 41 -16.78 15.86 -15.12
N ARG D 42 -17.56 14.84 -14.80
CA ARG D 42 -18.03 14.68 -13.43
C ARG D 42 -17.29 13.64 -12.60
N THR D 43 -17.37 13.80 -11.29
CA THR D 43 -16.75 12.85 -10.36
C THR D 43 -17.89 11.92 -9.95
N VAL D 44 -17.69 10.62 -10.19
CA VAL D 44 -18.69 9.60 -9.87
C VAL D 44 -18.11 8.48 -9.01
N VAL D 45 -18.82 8.11 -7.96
CA VAL D 45 -18.39 7.04 -7.06
C VAL D 45 -19.20 5.79 -7.34
N SER D 46 -18.53 4.69 -7.68
CA SER D 46 -19.17 3.42 -7.98
C SER D 46 -18.64 2.30 -7.10
N GLY D 47 -19.53 1.47 -6.55
CA GLY D 47 -19.06 0.37 -5.71
C GLY D 47 -18.76 -0.86 -6.56
N LEU D 48 -17.73 -0.78 -7.39
CA LEU D 48 -17.39 -1.89 -8.28
C LEU D 48 -16.03 -2.56 -8.10
N VAL D 49 -15.23 -2.06 -7.17
CA VAL D 49 -13.91 -2.62 -6.93
C VAL D 49 -13.92 -4.14 -6.85
N GLN D 50 -14.84 -4.69 -6.05
CA GLN D 50 -14.94 -6.12 -5.88
C GLN D 50 -15.76 -6.83 -6.97
N PHE D 51 -16.11 -6.09 -8.01
CA PHE D 51 -16.89 -6.63 -9.13
C PHE D 51 -16.19 -6.54 -10.48
N VAL D 52 -15.64 -5.36 -10.78
CA VAL D 52 -14.99 -5.14 -12.06
C VAL D 52 -13.57 -4.60 -11.92
N PRO D 53 -12.62 -5.22 -12.62
CA PRO D 53 -11.22 -4.78 -12.56
C PRO D 53 -11.09 -3.38 -13.12
N LYS D 54 -10.23 -2.58 -12.51
CA LYS D 54 -10.00 -1.20 -12.91
C LYS D 54 -9.79 -1.02 -14.41
N GLU D 55 -9.13 -1.99 -15.03
CA GLU D 55 -8.83 -1.93 -16.45
C GLU D 55 -10.07 -2.02 -17.35
N GLU D 56 -11.15 -2.61 -16.84
CA GLU D 56 -12.36 -2.76 -17.64
C GLU D 56 -13.29 -1.56 -17.51
N LEU D 57 -12.91 -0.61 -16.67
CA LEU D 57 -13.68 0.61 -16.49
C LEU D 57 -12.97 1.76 -17.20
N GLN D 58 -11.66 1.60 -17.37
CA GLN D 58 -10.82 2.60 -18.04
C GLN D 58 -11.28 2.79 -19.47
N ASP D 59 -11.63 4.01 -19.83
CA ASP D 59 -12.08 4.32 -21.19
C ASP D 59 -13.33 3.55 -21.56
N ARG D 60 -14.14 3.22 -20.57
CA ARG D 60 -15.36 2.47 -20.83
C ARG D 60 -16.55 3.39 -21.09
N LEU D 61 -17.48 2.91 -21.92
CA LEU D 61 -18.70 3.66 -22.23
C LEU D 61 -19.76 3.19 -21.24
N VAL D 62 -20.29 4.14 -20.48
CA VAL D 62 -21.30 3.82 -19.47
C VAL D 62 -22.57 4.65 -19.61
N VAL D 63 -23.58 4.28 -18.81
CA VAL D 63 -24.87 4.96 -18.76
C VAL D 63 -24.95 5.62 -17.39
N VAL D 64 -25.00 6.96 -17.37
CA VAL D 64 -25.01 7.67 -16.09
C VAL D 64 -26.29 8.45 -15.77
N LEU D 65 -26.74 8.34 -14.52
CA LEU D 65 -27.92 9.07 -14.08
C LEU D 65 -27.32 10.39 -13.60
N CYS D 66 -27.74 11.50 -14.21
CA CYS D 66 -27.16 12.82 -13.89
C CYS D 66 -27.94 13.83 -13.10
N ASN D 67 -29.25 13.68 -12.99
CA ASN D 67 -30.03 14.67 -12.26
C ASN D 67 -30.34 14.30 -10.82
N LEU D 68 -29.41 13.58 -10.19
CA LEU D 68 -29.56 13.20 -8.78
C LEU D 68 -28.97 14.33 -7.94
N LYS D 69 -29.40 14.41 -6.69
CA LYS D 69 -28.89 15.43 -5.79
C LYS D 69 -27.52 14.98 -5.34
N PRO D 70 -26.48 15.79 -5.61
CA PRO D 70 -25.12 15.43 -5.22
C PRO D 70 -25.06 14.99 -3.76
N GLN D 71 -24.40 13.86 -3.52
CA GLN D 71 -24.25 13.35 -2.17
C GLN D 71 -22.82 12.89 -1.97
N LYS D 72 -22.29 13.13 -0.77
CA LYS D 72 -20.93 12.75 -0.45
C LYS D 72 -20.88 11.27 -0.07
N MET D 73 -19.90 10.56 -0.61
CA MET D 73 -19.73 9.15 -0.32
C MET D 73 -18.31 8.96 0.19
N ARG D 74 -18.20 8.73 1.50
CA ARG D 74 -16.91 8.55 2.17
C ARG D 74 -16.01 9.76 1.98
N GLY D 75 -16.60 10.96 2.02
CA GLY D 75 -15.81 12.16 1.87
C GLY D 75 -15.79 12.73 0.46
N VAL D 76 -15.91 11.88 -0.54
CA VAL D 76 -15.90 12.32 -1.93
C VAL D 76 -17.33 12.61 -2.39
N GLU D 77 -17.51 13.75 -3.05
CA GLU D 77 -18.84 14.10 -3.55
C GLU D 77 -19.05 13.50 -4.93
N SER D 78 -20.07 12.65 -5.04
CA SER D 78 -20.39 12.01 -6.30
C SER D 78 -21.39 12.93 -7.01
N GLN D 79 -21.15 13.20 -8.29
CA GLN D 79 -22.02 14.09 -9.07
C GLN D 79 -22.84 13.32 -10.10
N GLY D 80 -23.07 12.04 -9.83
CA GLY D 80 -23.83 11.20 -10.72
C GLY D 80 -23.65 9.76 -10.30
N MET D 81 -24.44 8.85 -10.87
CA MET D 81 -24.35 7.44 -10.53
C MET D 81 -24.48 6.54 -11.75
N LEU D 82 -23.63 5.52 -11.82
CA LEU D 82 -23.68 4.58 -12.92
C LEU D 82 -24.86 3.63 -12.73
N LEU D 83 -25.51 3.30 -13.84
CA LEU D 83 -26.63 2.39 -13.83
C LEU D 83 -26.01 1.03 -14.10
N CYS D 84 -26.44 0.02 -13.33
CA CYS D 84 -25.92 -1.33 -13.50
C CYS D 84 -27.06 -2.34 -13.50
N ALA D 85 -26.73 -3.54 -13.94
CA ALA D 85 -27.66 -4.65 -13.94
C ALA D 85 -27.16 -5.45 -12.72
N SER D 86 -28.07 -6.06 -11.97
CA SER D 86 -27.67 -6.84 -10.82
C SER D 86 -28.67 -7.92 -10.43
N ILE D 87 -28.14 -9.00 -9.86
CA ILE D 87 -28.95 -10.11 -9.43
C ILE D 87 -28.51 -10.62 -8.07
N GLU D 88 -29.45 -10.78 -7.16
CA GLU D 88 -29.14 -11.29 -5.84
C GLU D 88 -28.93 -12.80 -5.95
N GLY D 89 -28.07 -13.35 -5.10
CA GLY D 89 -27.79 -14.76 -5.12
C GLY D 89 -26.87 -15.09 -3.96
N ILE D 90 -26.21 -16.24 -4.02
CA ILE D 90 -25.28 -16.62 -2.97
C ILE D 90 -24.30 -15.47 -2.76
N ASN D 91 -23.90 -14.85 -3.87
CA ASN D 91 -23.02 -13.71 -3.88
C ASN D 91 -23.62 -12.80 -4.95
N ARG D 92 -23.69 -11.51 -4.68
CA ARG D 92 -24.25 -10.58 -5.64
C ARG D 92 -23.52 -10.63 -6.97
N GLN D 93 -24.20 -10.21 -8.04
CA GLN D 93 -23.67 -10.17 -9.40
C GLN D 93 -24.00 -8.80 -9.99
N VAL D 94 -22.98 -8.10 -10.48
CA VAL D 94 -23.18 -6.78 -11.02
C VAL D 94 -22.43 -6.50 -12.32
N GLU D 95 -23.13 -5.86 -13.25
CA GLU D 95 -22.55 -5.48 -14.53
C GLU D 95 -23.05 -4.08 -14.83
N PRO D 96 -22.16 -3.15 -15.21
CA PRO D 96 -22.63 -1.81 -15.52
C PRO D 96 -23.39 -1.90 -16.84
N LEU D 97 -24.37 -1.02 -17.04
CA LEU D 97 -25.13 -1.06 -18.28
C LEU D 97 -24.28 -0.53 -19.42
N ASP D 98 -24.42 -1.15 -20.60
CA ASP D 98 -23.69 -0.75 -21.79
C ASP D 98 -24.52 -0.02 -22.84
N PRO D 99 -24.07 1.19 -23.25
CA PRO D 99 -24.75 1.99 -24.27
C PRO D 99 -24.37 1.39 -25.62
N PRO D 100 -25.01 1.81 -26.72
CA PRO D 100 -24.65 1.23 -28.02
C PRO D 100 -23.16 1.36 -28.32
N ALA D 101 -22.56 0.29 -28.82
CA ALA D 101 -21.13 0.31 -29.13
C ALA D 101 -20.76 1.50 -30.01
N GLY D 102 -20.07 2.49 -29.43
CA GLY D 102 -19.67 3.65 -30.22
C GLY D 102 -20.41 4.93 -29.92
N SER D 103 -21.32 4.87 -28.96
CA SER D 103 -22.12 6.03 -28.56
C SER D 103 -21.21 7.19 -28.19
N ALA D 104 -21.77 8.40 -28.14
CA ALA D 104 -21.01 9.59 -27.81
C ALA D 104 -21.37 10.18 -26.44
N PRO D 105 -20.36 10.66 -25.70
CA PRO D 105 -20.51 11.26 -24.37
C PRO D 105 -21.59 12.31 -24.25
N GLY D 106 -22.60 12.02 -23.44
CA GLY D 106 -23.69 12.97 -23.25
C GLY D 106 -24.93 12.61 -24.04
N GLU D 107 -24.84 11.60 -24.88
CA GLU D 107 -25.99 11.19 -25.68
C GLU D 107 -27.16 10.87 -24.76
N HIS D 108 -28.33 11.40 -25.13
CA HIS D 108 -29.58 11.24 -24.40
C HIS D 108 -30.03 9.79 -24.28
N VAL D 109 -30.10 9.28 -23.06
CA VAL D 109 -30.56 7.91 -22.86
C VAL D 109 -32.02 8.01 -22.42
N PHE D 110 -32.88 7.19 -23.02
CA PHE D 110 -34.31 7.25 -22.70
C PHE D 110 -35.07 5.96 -22.94
N VAL D 111 -36.28 5.89 -22.40
CA VAL D 111 -37.14 4.73 -22.60
C VAL D 111 -37.98 5.06 -23.84
N LYS D 112 -38.00 4.17 -24.83
CA LYS D 112 -38.76 4.38 -26.07
C LYS D 112 -40.18 4.86 -25.76
N GLY D 113 -40.57 5.95 -26.42
CA GLY D 113 -41.89 6.52 -26.20
C GLY D 113 -41.87 7.65 -25.16
N TYR D 114 -40.75 7.81 -24.46
CA TYR D 114 -40.60 8.86 -23.44
C TYR D 114 -39.35 9.68 -23.67
N GLU D 115 -39.06 9.95 -24.95
CA GLU D 115 -37.89 10.69 -25.36
C GLU D 115 -37.93 12.21 -25.21
N LYS D 116 -39.10 12.80 -25.41
CA LYS D 116 -39.27 14.25 -25.34
C LYS D 116 -39.41 14.87 -23.94
N GLY D 117 -39.91 14.12 -22.98
CA GLY D 117 -40.08 14.65 -21.63
C GLY D 117 -38.82 15.27 -21.01
N GLN D 118 -39.00 16.32 -20.20
CA GLN D 118 -37.88 16.99 -19.55
C GLN D 118 -37.64 16.43 -18.14
N PRO D 119 -36.37 16.18 -17.80
CA PRO D 119 -35.97 15.65 -16.50
C PRO D 119 -36.25 16.62 -15.37
N ASP D 120 -36.36 16.09 -14.16
CA ASP D 120 -36.58 16.96 -13.01
C ASP D 120 -35.28 17.75 -12.87
N GLU D 121 -35.39 19.01 -12.46
CA GLU D 121 -34.20 19.85 -12.27
C GLU D 121 -33.25 19.07 -11.38
N GLU D 122 -33.82 18.45 -10.35
CA GLU D 122 -33.08 17.64 -9.41
C GLU D 122 -34.06 16.72 -8.70
N LEU D 123 -33.83 15.42 -8.77
CA LEU D 123 -34.69 14.44 -8.13
C LEU D 123 -34.80 14.69 -6.63
N LYS D 124 -36.02 14.73 -6.12
CA LYS D 124 -36.25 14.96 -4.70
C LYS D 124 -36.38 13.61 -3.98
N PRO D 125 -35.40 13.27 -3.14
CA PRO D 125 -35.37 12.01 -2.39
C PRO D 125 -36.70 11.60 -1.79
N LYS D 126 -37.37 12.53 -1.13
CA LYS D 126 -38.66 12.27 -0.49
C LYS D 126 -39.72 11.80 -1.47
N LYS D 127 -39.64 12.25 -2.71
CA LYS D 127 -40.61 11.87 -3.72
C LYS D 127 -40.29 10.50 -4.32
N LYS D 128 -39.05 10.05 -4.12
CA LYS D 128 -38.60 8.75 -4.60
C LYS D 128 -39.03 8.36 -6.01
N VAL D 129 -38.84 9.27 -6.97
CA VAL D 129 -39.20 9.03 -8.35
C VAL D 129 -38.40 7.84 -8.90
N PHE D 130 -37.11 7.82 -8.60
CA PHE D 130 -36.26 6.74 -9.07
C PHE D 130 -36.68 5.35 -8.59
N GLU D 131 -36.95 5.20 -7.29
CA GLU D 131 -37.35 3.89 -6.77
C GLU D 131 -38.73 3.47 -7.27
N LYS D 132 -39.61 4.44 -7.50
CA LYS D 132 -40.93 4.14 -8.00
C LYS D 132 -40.83 3.65 -9.43
N LEU D 133 -39.87 4.20 -10.16
CA LEU D 133 -39.65 3.79 -11.54
C LEU D 133 -38.93 2.44 -11.51
N GLN D 134 -38.01 2.29 -10.56
CA GLN D 134 -37.21 1.08 -10.39
C GLN D 134 -38.09 -0.16 -10.20
N ALA D 135 -39.25 0.04 -9.61
CA ALA D 135 -40.19 -1.06 -9.38
C ALA D 135 -40.52 -1.77 -10.70
N ASP D 136 -40.41 -1.06 -11.82
CA ASP D 136 -40.70 -1.67 -13.10
C ASP D 136 -39.46 -1.84 -13.98
N PHE D 137 -38.28 -1.76 -13.37
CA PHE D 137 -37.03 -1.94 -14.11
C PHE D 137 -36.66 -3.41 -14.14
N LYS D 138 -36.08 -3.86 -15.24
CA LYS D 138 -35.68 -5.25 -15.36
C LYS D 138 -34.97 -5.52 -16.66
N ILE D 139 -33.93 -6.36 -16.60
CA ILE D 139 -33.16 -6.74 -17.77
C ILE D 139 -33.91 -7.86 -18.50
N SER D 140 -34.26 -7.65 -19.76
CA SER D 140 -34.97 -8.65 -20.55
C SER D 140 -34.17 -9.93 -20.72
N GLU D 141 -34.83 -10.98 -21.23
CA GLU D 141 -34.18 -12.27 -21.43
C GLU D 141 -33.10 -12.22 -22.51
N GLU D 142 -33.07 -11.12 -23.26
CA GLU D 142 -32.05 -10.94 -24.30
C GLU D 142 -31.01 -9.94 -23.80
N CYS D 143 -31.05 -9.68 -22.49
CA CYS D 143 -30.12 -8.76 -21.83
C CYS D 143 -30.31 -7.30 -22.16
N ILE D 144 -31.56 -6.89 -22.32
CA ILE D 144 -31.84 -5.49 -22.62
C ILE D 144 -32.44 -4.79 -21.41
N ALA D 145 -31.99 -3.57 -21.13
CA ALA D 145 -32.49 -2.80 -19.99
C ALA D 145 -33.86 -2.25 -20.33
N GLN D 146 -34.86 -2.55 -19.51
CA GLN D 146 -36.23 -2.10 -19.79
C GLN D 146 -37.00 -1.57 -18.61
N TRP D 147 -38.05 -0.83 -18.92
CA TRP D 147 -38.96 -0.28 -17.94
C TRP D 147 -40.31 -0.73 -18.49
N LYS D 148 -41.05 -1.50 -17.70
CA LYS D 148 -42.33 -2.04 -18.13
C LYS D 148 -42.14 -2.70 -19.50
N GLN D 149 -41.08 -3.49 -19.62
CA GLN D 149 -40.78 -4.22 -20.84
C GLN D 149 -40.63 -3.33 -22.08
N THR D 150 -40.18 -2.09 -21.86
CA THR D 150 -39.97 -1.14 -22.94
C THR D 150 -38.49 -0.77 -22.87
N ASN D 151 -37.80 -0.89 -24.01
CA ASN D 151 -36.37 -0.63 -24.10
C ASN D 151 -35.83 0.74 -23.73
N PHE D 152 -34.72 0.73 -23.00
CA PHE D 152 -33.99 1.95 -22.67
C PHE D 152 -33.14 2.06 -23.96
N MET D 153 -32.84 3.27 -24.40
CA MET D 153 -32.07 3.39 -25.63
C MET D 153 -31.49 4.78 -25.87
N THR D 154 -30.78 4.89 -26.99
CA THR D 154 -30.16 6.12 -27.45
C THR D 154 -30.49 6.08 -28.93
N LYS D 155 -30.20 7.14 -29.66
CA LYS D 155 -30.48 7.14 -31.09
C LYS D 155 -29.68 6.07 -31.84
N LEU D 156 -28.68 5.50 -31.18
CA LEU D 156 -27.84 4.47 -31.80
C LEU D 156 -28.20 3.02 -31.45
N GLY D 157 -29.19 2.82 -30.58
CA GLY D 157 -29.55 1.46 -30.21
C GLY D 157 -30.00 1.34 -28.78
N SER D 158 -30.38 0.13 -28.37
CA SER D 158 -30.85 -0.05 -27.01
C SER D 158 -29.75 -0.36 -25.99
N ILE D 159 -30.05 -0.08 -24.73
CA ILE D 159 -29.12 -0.30 -23.62
C ILE D 159 -29.14 -1.78 -23.23
N SER D 160 -27.97 -2.34 -22.94
CA SER D 160 -27.89 -3.74 -22.56
C SER D 160 -26.85 -4.01 -21.48
N CYS D 161 -26.66 -5.28 -21.18
CA CYS D 161 -25.66 -5.71 -20.22
C CYS D 161 -25.06 -6.97 -20.79
N LYS D 162 -23.96 -7.42 -20.20
CA LYS D 162 -23.27 -8.61 -20.70
C LYS D 162 -23.97 -9.95 -20.53
N SER D 163 -24.60 -10.19 -19.39
CA SER D 163 -25.24 -11.50 -19.19
C SER D 163 -26.36 -11.59 -18.17
N LEU D 164 -26.40 -10.65 -17.23
CA LEU D 164 -27.40 -10.67 -16.17
C LEU D 164 -28.87 -10.54 -16.60
N LYS D 165 -29.31 -11.44 -17.48
CA LYS D 165 -30.69 -11.43 -17.94
C LYS D 165 -31.61 -11.66 -16.73
N GLY D 166 -32.73 -10.94 -16.71
CA GLY D 166 -33.69 -11.07 -15.63
C GLY D 166 -33.28 -10.33 -14.37
N GLY D 167 -32.17 -9.61 -14.43
CA GLY D 167 -31.70 -8.89 -13.27
C GLY D 167 -32.32 -7.53 -13.11
N ASN D 168 -31.99 -6.85 -12.02
CA ASN D 168 -32.51 -5.53 -11.75
C ASN D 168 -31.58 -4.45 -12.30
N ILE D 169 -32.09 -3.23 -12.29
CA ILE D 169 -31.35 -2.04 -12.73
C ILE D 169 -31.12 -1.30 -11.41
N SER D 170 -29.86 -1.18 -11.01
CA SER D 170 -29.54 -0.53 -9.74
C SER D 170 -28.44 0.52 -9.80
N LEU D 171 -28.32 1.27 -8.71
CA LEU D 171 -27.31 2.31 -8.57
C LEU D 171 -26.23 1.82 -7.61
N GLU D 172 -26.49 0.68 -6.97
CA GLU D 172 -25.55 0.12 -6.02
C GLU D 172 -25.36 1.12 -4.88
#